data_3PIC
#
_entry.id   3PIC
#
_cell.length_a   80.260
_cell.length_b   82.010
_cell.length_c   185.890
_cell.angle_alpha   90.00
_cell.angle_beta   90.00
_cell.angle_gamma   90.00
#
_symmetry.space_group_name_H-M   'P 21 21 21'
#
loop_
_entity.id
_entity.type
_entity.pdbx_description
1 polymer Cip2
2 non-polymer 2-acetamido-2-deoxy-beta-D-glucopyranose
3 water water
#
_entity_poly.entity_id   1
_entity_poly.type   'polypeptide(L)'
_entity_poly.pdbx_seq_one_letter_code
;QQTSGAGGATCSALPGSITLRSNAKLNDLFTMFNGDKVTTKDKFSCRQAEMSELIQRYELGTLPGRPSTLTASFSGNTLT
INCGEAGKSISFTVTITYPSSGTAPYPAIIGYGGGSLPAPAGVAMINFNNDNIAAQVNTGSRGQGKFYDLYGSSHSAGAM
TAWAWGVSRVIDALELVPGARIDTTKIGVTGCSRNGKGAMVAGAFEKRIVLTLPQESGAGGSACWRISDYLKSQGANIQT
ASEIIGEDPWFSTTFNSYVNQVPVLPFDHHSLAALIAPRGLFVIDNNIDWLGPQSCFGCMTAAHMAWQALGVSDHMGYSQ
IGAHAHCAFPSNQQSQLTAFVQKFLLGQSTNTAIFQSDFSANQSQWIDWTTPTLS
;
_entity_poly.pdbx_strand_id   A,B,C
#
# COMPACT_ATOMS: atom_id res chain seq x y z
N LEU A 14 -32.24 -4.77 -12.87
CA LEU A 14 -32.63 -5.04 -11.45
C LEU A 14 -34.12 -5.33 -11.38
N PRO A 15 -34.49 -6.51 -10.85
CA PRO A 15 -35.90 -6.89 -10.72
C PRO A 15 -36.73 -5.79 -10.10
N GLY A 16 -37.97 -5.65 -10.58
CA GLY A 16 -38.85 -4.63 -10.03
C GLY A 16 -39.24 -5.01 -8.61
N SER A 17 -39.31 -6.32 -8.36
CA SER A 17 -39.67 -6.81 -7.03
C SER A 17 -38.53 -7.63 -6.44
N ILE A 18 -37.89 -7.10 -5.40
CA ILE A 18 -36.80 -7.80 -4.74
C ILE A 18 -37.10 -7.83 -3.24
N THR A 19 -36.50 -8.77 -2.53
CA THR A 19 -36.72 -8.88 -1.09
C THR A 19 -35.49 -8.41 -0.32
N LEU A 20 -35.66 -7.35 0.47
CA LEU A 20 -34.54 -6.83 1.23
C LEU A 20 -34.15 -7.80 2.34
N ARG A 21 -32.90 -7.70 2.78
CA ARG A 21 -32.38 -8.54 3.84
C ARG A 21 -31.48 -7.69 4.73
N SER A 22 -31.41 -8.03 6.01
CA SER A 22 -30.60 -7.25 6.93
C SER A 22 -29.11 -7.54 6.81
N ASN A 23 -28.30 -6.49 6.96
CA ASN A 23 -26.86 -6.62 6.93
C ASN A 23 -26.35 -5.60 7.94
N ALA A 24 -25.90 -6.11 9.08
CA ALA A 24 -25.40 -5.25 10.15
C ALA A 24 -24.22 -4.38 9.73
N LYS A 25 -23.32 -4.93 8.91
CA LYS A 25 -22.14 -4.17 8.49
C LYS A 25 -22.39 -3.40 7.19
N LEU A 26 -21.41 -2.59 6.78
CA LEU A 26 -21.54 -1.83 5.55
C LEU A 26 -21.59 -2.82 4.39
N ASN A 27 -22.53 -2.62 3.47
CA ASN A 27 -22.70 -3.52 2.32
C ASN A 27 -21.47 -3.61 1.43
N ASP A 28 -21.23 -4.81 0.90
CA ASP A 28 -20.11 -5.07 0.01
C ASP A 28 -20.31 -4.30 -1.29
N LEU A 29 -19.39 -3.36 -1.56
CA LEU A 29 -19.49 -2.54 -2.76
C LEU A 29 -19.23 -3.35 -4.03
N PHE A 30 -18.47 -4.44 -3.88
CA PHE A 30 -18.08 -5.25 -5.02
C PHE A 30 -18.85 -6.53 -5.33
N THR A 31 -20.06 -6.60 -4.81
CA THR A 31 -20.91 -7.75 -5.08
C THR A 31 -22.28 -7.19 -5.44
N MET A 32 -22.80 -7.62 -6.58
CA MET A 32 -24.11 -7.15 -7.03
C MET A 32 -25.17 -7.59 -6.01
N PHE A 33 -26.32 -6.94 -6.04
CA PHE A 33 -27.38 -7.29 -5.11
C PHE A 33 -27.69 -8.79 -5.16
N ASN A 34 -27.76 -9.34 -6.37
CA ASN A 34 -28.07 -10.76 -6.52
C ASN A 34 -26.93 -11.71 -6.17
N GLY A 35 -25.77 -11.17 -5.84
CA GLY A 35 -24.65 -12.01 -5.48
C GLY A 35 -23.54 -12.14 -6.52
N ASP A 36 -23.76 -11.65 -7.74
CA ASP A 36 -22.71 -11.73 -8.76
C ASP A 36 -21.51 -10.92 -8.29
N LYS A 37 -20.31 -11.42 -8.54
CA LYS A 37 -19.10 -10.72 -8.13
C LYS A 37 -18.67 -9.64 -9.12
N VAL A 38 -18.21 -8.51 -8.60
CA VAL A 38 -17.74 -7.41 -9.44
C VAL A 38 -16.22 -7.56 -9.57
N THR A 39 -15.75 -7.91 -10.76
CA THR A 39 -14.32 -8.10 -10.96
C THR A 39 -13.71 -7.26 -12.06
N THR A 40 -14.53 -6.53 -12.79
CA THR A 40 -14.04 -5.67 -13.87
C THR A 40 -14.54 -4.25 -13.71
N LYS A 41 -13.85 -3.31 -14.33
CA LYS A 41 -14.26 -1.91 -14.27
C LYS A 41 -15.63 -1.75 -14.89
N ASP A 42 -15.88 -2.43 -16.01
CA ASP A 42 -17.18 -2.35 -16.66
C ASP A 42 -18.27 -2.83 -15.71
N LYS A 43 -17.99 -3.95 -15.05
CA LYS A 43 -18.96 -4.52 -14.11
C LYS A 43 -19.23 -3.55 -12.96
N PHE A 44 -18.21 -2.83 -12.53
CA PHE A 44 -18.40 -1.88 -11.44
C PHE A 44 -19.32 -0.76 -11.91
N SER A 45 -19.24 -0.42 -13.19
CA SER A 45 -20.10 0.63 -13.73
C SER A 45 -21.55 0.17 -13.57
N CYS A 46 -21.79 -1.12 -13.81
CA CYS A 46 -23.13 -1.66 -13.67
C CYS A 46 -23.51 -1.63 -12.19
N ARG A 47 -22.58 -2.02 -11.33
CA ARG A 47 -22.80 -2.02 -9.88
C ARG A 47 -23.16 -0.62 -9.39
N GLN A 48 -22.50 0.39 -9.94
CA GLN A 48 -22.80 1.77 -9.53
C GLN A 48 -24.23 2.12 -9.93
N ALA A 49 -24.61 1.77 -11.15
CA ALA A 49 -25.96 2.06 -11.62
C ALA A 49 -26.97 1.35 -10.72
N GLU A 50 -26.62 0.16 -10.28
CA GLU A 50 -27.51 -0.59 -9.40
C GLU A 50 -27.66 0.13 -8.06
N MET A 51 -26.54 0.54 -7.47
CA MET A 51 -26.60 1.24 -6.19
C MET A 51 -27.36 2.56 -6.31
N SER A 52 -27.22 3.23 -7.44
CA SER A 52 -27.93 4.48 -7.63
C SER A 52 -29.42 4.17 -7.69
N GLU A 53 -29.78 3.13 -8.44
CA GLU A 53 -31.18 2.71 -8.56
C GLU A 53 -31.78 2.38 -7.19
N LEU A 54 -31.05 1.62 -6.40
CA LEU A 54 -31.51 1.22 -5.07
C LEU A 54 -31.66 2.43 -4.16
N ILE A 55 -30.66 3.31 -4.18
CA ILE A 55 -30.68 4.52 -3.37
C ILE A 55 -31.90 5.38 -3.70
N GLN A 56 -32.20 5.51 -4.99
CA GLN A 56 -33.34 6.30 -5.41
C GLN A 56 -34.66 5.64 -4.96
N ARG A 57 -34.73 4.32 -5.08
CA ARG A 57 -35.94 3.59 -4.68
C ARG A 57 -36.27 3.70 -3.20
N TYR A 58 -35.27 3.50 -2.35
CA TYR A 58 -35.49 3.51 -0.90
C TYR A 58 -35.11 4.75 -0.09
N GLU A 59 -34.22 5.60 -0.60
CA GLU A 59 -33.82 6.75 0.19
C GLU A 59 -34.00 8.16 -0.35
N LEU A 60 -33.54 8.42 -1.56
CA LEU A 60 -33.60 9.76 -2.13
C LEU A 60 -34.72 10.06 -3.10
N GLY A 61 -35.35 9.03 -3.64
CA GLY A 61 -36.42 9.25 -4.60
C GLY A 61 -35.91 9.25 -6.03
N THR A 62 -36.83 9.15 -6.98
CA THR A 62 -36.47 9.10 -8.40
C THR A 62 -35.88 10.39 -8.96
N LEU A 63 -34.80 10.23 -9.72
CA LEU A 63 -34.10 11.34 -10.37
C LEU A 63 -34.55 11.45 -11.83
N PRO A 64 -35.27 12.52 -12.17
CA PRO A 64 -35.72 12.68 -13.56
C PRO A 64 -34.57 12.97 -14.51
N GLY A 65 -34.74 12.59 -15.77
CA GLY A 65 -33.71 12.86 -16.76
C GLY A 65 -33.91 14.27 -17.27
N ARG A 66 -33.16 14.65 -18.31
CA ARG A 66 -33.25 15.99 -18.88
C ARG A 66 -34.65 16.28 -19.42
N PRO A 67 -35.22 17.43 -19.04
CA PRO A 67 -36.56 17.79 -19.51
C PRO A 67 -36.61 17.95 -21.03
N SER A 68 -37.81 17.81 -21.60
CA SER A 68 -37.98 17.92 -23.04
C SER A 68 -37.59 19.31 -23.57
N THR A 69 -37.88 20.35 -22.80
CA THR A 69 -37.56 21.72 -23.21
C THR A 69 -36.55 22.38 -22.27
N LEU A 70 -35.44 22.84 -22.83
CA LEU A 70 -34.44 23.51 -22.01
C LEU A 70 -33.72 24.60 -22.82
N THR A 71 -33.90 25.85 -22.38
CA THR A 71 -33.26 26.98 -23.05
C THR A 71 -32.61 27.84 -21.97
N ALA A 72 -31.66 28.67 -22.36
CA ALA A 72 -30.98 29.51 -21.39
C ALA A 72 -30.47 30.80 -22.01
N SER A 73 -30.12 31.74 -21.16
CA SER A 73 -29.59 33.02 -21.60
C SER A 73 -28.74 33.59 -20.48
N PHE A 74 -27.81 34.46 -20.84
CA PHE A 74 -26.93 35.06 -19.85
C PHE A 74 -26.93 36.58 -20.00
N SER A 75 -27.02 37.28 -18.88
CA SER A 75 -27.04 38.74 -18.89
C SER A 75 -26.43 39.23 -17.57
N GLY A 76 -25.60 40.26 -17.64
CA GLY A 76 -24.95 40.77 -16.44
C GLY A 76 -24.02 39.69 -15.93
N ASN A 77 -24.39 39.05 -14.82
CA ASN A 77 -23.58 37.96 -14.28
C ASN A 77 -24.58 36.90 -13.85
N THR A 78 -25.76 36.94 -14.49
CA THR A 78 -26.84 36.02 -14.19
C THR A 78 -27.18 35.09 -15.35
N LEU A 79 -27.25 33.79 -15.05
CA LEU A 79 -27.61 32.80 -16.04
C LEU A 79 -29.06 32.41 -15.76
N THR A 80 -29.91 32.51 -16.78
CA THR A 80 -31.31 32.16 -16.63
C THR A 80 -31.55 30.82 -17.31
N ILE A 81 -32.17 29.89 -16.59
CA ILE A 81 -32.45 28.56 -17.13
C ILE A 81 -33.94 28.33 -17.23
N ASN A 82 -34.38 27.92 -18.41
CA ASN A 82 -35.80 27.65 -18.66
C ASN A 82 -35.99 26.18 -18.93
N CYS A 83 -36.90 25.55 -18.18
CA CYS A 83 -37.17 24.13 -18.34
C CYS A 83 -38.65 23.86 -18.59
N GLY A 84 -38.92 22.95 -19.51
CA GLY A 84 -40.29 22.61 -19.83
C GLY A 84 -40.44 21.10 -19.96
N GLU A 85 -41.54 20.56 -19.44
CA GLU A 85 -41.78 19.12 -19.51
C GLU A 85 -43.27 18.81 -19.39
N ALA A 86 -43.80 18.13 -20.41
CA ALA A 86 -45.21 17.75 -20.44
C ALA A 86 -46.18 18.91 -20.19
N GLY A 87 -46.00 20.00 -20.92
CA GLY A 87 -46.90 21.14 -20.77
C GLY A 87 -46.59 22.06 -19.60
N LYS A 88 -45.73 21.61 -18.70
CA LYS A 88 -45.35 22.42 -17.56
C LYS A 88 -44.01 23.07 -17.85
N SER A 89 -43.74 24.20 -17.20
CA SER A 89 -42.49 24.89 -17.41
C SER A 89 -42.11 25.76 -16.21
N ILE A 90 -40.81 25.91 -16.00
CA ILE A 90 -40.30 26.72 -14.90
C ILE A 90 -39.07 27.49 -15.37
N SER A 91 -38.61 28.40 -14.51
CA SER A 91 -37.44 29.22 -14.80
C SER A 91 -36.72 29.51 -13.50
N PHE A 92 -35.39 29.42 -13.53
CA PHE A 92 -34.62 29.74 -12.35
C PHE A 92 -33.28 30.32 -12.77
N THR A 93 -32.62 31.01 -11.86
CA THR A 93 -31.35 31.66 -12.18
C THR A 93 -30.23 31.35 -11.21
N VAL A 94 -29.00 31.55 -11.67
CA VAL A 94 -27.82 31.37 -10.85
C VAL A 94 -26.93 32.56 -11.14
N THR A 95 -26.19 33.02 -10.13
CA THR A 95 -25.31 34.16 -10.34
C THR A 95 -23.87 33.66 -10.38
N ILE A 96 -23.05 34.33 -11.19
CA ILE A 96 -21.66 33.95 -11.34
C ILE A 96 -20.67 35.05 -11.01
N THR A 97 -19.61 34.65 -10.31
CA THR A 97 -18.55 35.56 -9.93
C THR A 97 -17.29 34.98 -10.58
N TYR A 98 -16.50 35.85 -11.20
CA TYR A 98 -15.30 35.40 -11.90
C TYR A 98 -14.01 35.70 -11.15
N PRO A 99 -12.96 34.91 -11.39
CA PRO A 99 -11.66 35.08 -10.73
C PRO A 99 -10.78 36.15 -11.36
N SER A 100 -9.88 36.70 -10.54
CA SER A 100 -8.96 37.74 -11.02
C SER A 100 -7.86 37.10 -11.86
N SER A 101 -7.66 35.80 -11.65
CA SER A 101 -6.65 35.05 -12.41
C SER A 101 -7.37 34.00 -13.25
N GLY A 102 -6.63 33.27 -14.07
CA GLY A 102 -7.25 32.24 -14.90
C GLY A 102 -7.58 32.70 -16.31
N THR A 103 -7.88 31.74 -17.18
CA THR A 103 -8.22 32.03 -18.56
C THR A 103 -9.63 31.56 -18.85
N ALA A 104 -10.42 32.40 -19.51
CA ALA A 104 -11.79 32.03 -19.86
C ALA A 104 -11.78 31.10 -21.08
N PRO A 105 -12.70 30.11 -21.13
CA PRO A 105 -13.75 29.81 -20.14
C PRO A 105 -13.14 29.27 -18.85
N TYR A 106 -13.66 29.76 -17.72
CA TYR A 106 -13.16 29.36 -16.41
C TYR A 106 -13.77 28.11 -15.79
N PRO A 107 -12.96 27.35 -15.04
CA PRO A 107 -13.53 26.16 -14.42
C PRO A 107 -14.32 26.80 -13.29
N ALA A 108 -15.29 26.10 -12.72
CA ALA A 108 -16.08 26.72 -11.66
C ALA A 108 -16.61 25.73 -10.65
N ILE A 109 -17.01 26.25 -9.50
CA ILE A 109 -17.58 25.42 -8.45
C ILE A 109 -19.02 25.90 -8.25
N ILE A 110 -19.98 24.99 -8.39
CA ILE A 110 -21.36 25.36 -8.18
C ILE A 110 -21.60 25.24 -6.68
N GLY A 111 -21.80 26.38 -6.03
CA GLY A 111 -22.02 26.36 -4.59
C GLY A 111 -23.45 26.53 -4.14
N TYR A 112 -23.94 25.55 -3.39
CA TYR A 112 -25.29 25.60 -2.85
C TYR A 112 -25.33 26.79 -1.89
N GLY A 113 -26.14 27.78 -2.21
CA GLY A 113 -26.23 28.97 -1.37
C GLY A 113 -24.88 29.66 -1.30
N GLY A 114 -24.04 29.41 -2.30
CA GLY A 114 -22.72 30.02 -2.34
C GLY A 114 -21.65 29.15 -1.70
N GLY A 115 -22.07 28.12 -0.99
CA GLY A 115 -21.12 27.23 -0.32
C GLY A 115 -20.45 27.92 0.85
N SER A 116 -19.50 27.24 1.48
CA SER A 116 -18.80 27.84 2.62
C SER A 116 -17.29 27.67 2.53
N LEU A 117 -16.78 27.65 1.30
CA LEU A 117 -15.35 27.49 1.05
C LEU A 117 -14.75 28.77 0.48
N PRO A 118 -13.42 28.94 0.62
CA PRO A 118 -12.73 30.13 0.10
C PRO A 118 -12.81 30.02 -1.42
N ALA A 119 -13.01 31.13 -2.11
CA ALA A 119 -13.07 31.09 -3.58
C ALA A 119 -11.68 30.72 -4.09
N PRO A 120 -11.57 29.58 -4.80
CA PRO A 120 -10.28 29.15 -5.33
C PRO A 120 -9.71 30.10 -6.37
N ALA A 121 -8.38 30.19 -6.41
CA ALA A 121 -7.72 31.05 -7.38
C ALA A 121 -8.00 30.50 -8.78
N GLY A 122 -8.31 31.40 -9.70
CA GLY A 122 -8.58 31.01 -11.07
C GLY A 122 -9.83 30.18 -11.28
N VAL A 123 -10.71 30.16 -10.28
CA VAL A 123 -11.95 29.39 -10.37
C VAL A 123 -13.16 30.28 -10.12
N ALA A 124 -14.15 30.20 -11.01
CA ALA A 124 -15.36 30.99 -10.90
C ALA A 124 -16.33 30.33 -9.93
N MET A 125 -17.14 31.14 -9.25
CA MET A 125 -18.10 30.61 -8.29
C MET A 125 -19.52 30.85 -8.80
N ILE A 126 -20.32 29.79 -8.82
CA ILE A 126 -21.69 29.87 -9.26
C ILE A 126 -22.58 29.68 -8.03
N ASN A 127 -23.35 30.70 -7.68
CA ASN A 127 -24.22 30.60 -6.52
C ASN A 127 -25.54 29.96 -6.93
N PHE A 128 -25.74 28.74 -6.45
CA PHE A 128 -26.94 27.97 -6.75
C PHE A 128 -27.91 28.04 -5.58
N ASN A 129 -29.08 28.61 -5.82
CA ASN A 129 -30.08 28.71 -4.75
C ASN A 129 -30.92 27.44 -4.75
N ASN A 130 -30.40 26.40 -4.11
CA ASN A 130 -31.10 25.13 -4.07
C ASN A 130 -32.48 25.22 -3.41
N ASP A 131 -32.65 26.16 -2.49
CA ASP A 131 -33.94 26.34 -1.81
C ASP A 131 -35.10 26.56 -2.79
N ASN A 132 -34.88 27.36 -3.83
CA ASN A 132 -35.93 27.63 -4.80
C ASN A 132 -36.26 26.43 -5.67
N ILE A 133 -35.32 25.50 -5.80
CA ILE A 133 -35.55 24.31 -6.59
C ILE A 133 -36.38 23.37 -5.73
N ALA A 134 -36.05 23.32 -4.44
CA ALA A 134 -36.77 22.49 -3.47
C ALA A 134 -36.57 23.13 -2.10
N ALA A 135 -37.67 23.58 -1.50
CA ALA A 135 -37.65 24.23 -0.20
C ALA A 135 -37.18 23.32 0.93
N GLN A 136 -36.56 23.90 1.95
CA GLN A 136 -36.08 23.14 3.09
C GLN A 136 -36.24 23.94 4.39
N VAL A 137 -37.41 24.54 4.57
CA VAL A 137 -37.71 25.31 5.77
C VAL A 137 -37.97 24.35 6.92
N ASN A 138 -38.83 23.37 6.66
CA ASN A 138 -39.19 22.36 7.63
C ASN A 138 -39.97 21.28 6.89
N THR A 139 -40.50 20.32 7.64
CA THR A 139 -41.25 19.20 7.06
C THR A 139 -42.37 19.69 6.14
N GLY A 140 -42.94 20.85 6.47
CA GLY A 140 -44.02 21.39 5.67
C GLY A 140 -43.60 21.82 4.27
N SER A 141 -42.30 21.76 4.00
CA SER A 141 -41.77 22.14 2.70
C SER A 141 -41.88 21.00 1.69
N ARG A 142 -42.35 19.85 2.15
CA ARG A 142 -42.48 18.68 1.29
C ARG A 142 -43.23 19.00 0.00
N GLY A 143 -42.62 18.66 -1.13
CA GLY A 143 -43.24 18.89 -2.42
C GLY A 143 -43.32 20.34 -2.86
N GLN A 144 -42.62 21.23 -2.17
CA GLN A 144 -42.65 22.63 -2.55
C GLN A 144 -41.32 23.06 -3.17
N GLY A 145 -41.39 23.75 -4.30
CA GLY A 145 -40.19 24.19 -5.00
C GLY A 145 -40.37 24.10 -6.50
N LYS A 146 -39.53 24.81 -7.26
CA LYS A 146 -39.64 24.79 -8.71
C LYS A 146 -39.58 23.39 -9.33
N PHE A 147 -38.77 22.51 -8.76
CA PHE A 147 -38.67 21.14 -9.26
C PHE A 147 -40.06 20.49 -9.26
N TYR A 148 -40.81 20.74 -8.19
CA TYR A 148 -42.14 20.16 -8.06
C TYR A 148 -43.18 20.90 -8.89
N ASP A 149 -42.96 22.20 -9.10
CA ASP A 149 -43.89 22.96 -9.92
C ASP A 149 -43.86 22.38 -11.32
N LEU A 150 -42.76 21.68 -11.63
CA LEU A 150 -42.60 21.07 -12.94
C LEU A 150 -42.96 19.58 -12.98
N TYR A 151 -42.51 18.84 -11.98
CA TYR A 151 -42.77 17.40 -11.95
C TYR A 151 -43.95 16.97 -11.09
N GLY A 152 -44.49 17.89 -10.30
CA GLY A 152 -45.64 17.54 -9.47
C GLY A 152 -45.30 17.50 -7.99
N SER A 153 -46.23 17.99 -7.18
CA SER A 153 -46.07 18.02 -5.74
C SER A 153 -45.88 16.65 -5.11
N SER A 154 -46.36 15.60 -5.79
CA SER A 154 -46.23 14.26 -5.23
C SER A 154 -45.12 13.42 -5.84
N HIS A 155 -44.21 14.05 -6.56
CA HIS A 155 -43.10 13.30 -7.16
C HIS A 155 -42.28 12.70 -6.02
N SER A 156 -41.75 11.49 -6.23
CA SER A 156 -40.99 10.81 -5.20
C SER A 156 -39.67 11.46 -4.84
N ALA A 157 -39.11 12.23 -5.76
CA ALA A 157 -37.84 12.88 -5.50
C ALA A 157 -37.86 13.69 -4.20
N GLY A 158 -36.90 13.43 -3.33
CA GLY A 158 -36.80 14.20 -2.11
C GLY A 158 -36.09 15.48 -2.53
N ALA A 159 -35.87 16.41 -1.60
CA ALA A 159 -35.22 17.67 -1.96
C ALA A 159 -33.81 17.53 -2.52
N MET A 160 -32.99 16.68 -1.91
CA MET A 160 -31.61 16.53 -2.39
C MET A 160 -31.55 16.03 -3.83
N THR A 161 -32.48 15.15 -4.21
CA THR A 161 -32.52 14.65 -5.57
C THR A 161 -32.95 15.82 -6.45
N ALA A 162 -33.95 16.57 -5.99
CA ALA A 162 -34.45 17.72 -6.73
C ALA A 162 -33.30 18.70 -6.96
N TRP A 163 -32.51 18.94 -5.91
CA TRP A 163 -31.39 19.85 -6.01
C TRP A 163 -30.39 19.36 -7.06
N ALA A 164 -30.09 18.07 -7.04
CA ALA A 164 -29.15 17.47 -7.99
C ALA A 164 -29.67 17.68 -9.41
N TRP A 165 -30.95 17.47 -9.59
CA TRP A 165 -31.57 17.67 -10.90
C TRP A 165 -31.30 19.11 -11.33
N GLY A 166 -31.43 20.04 -10.39
CA GLY A 166 -31.21 21.43 -10.70
C GLY A 166 -29.80 21.68 -11.19
N VAL A 167 -28.82 21.13 -10.48
CA VAL A 167 -27.42 21.28 -10.84
C VAL A 167 -27.18 20.81 -12.26
N SER A 168 -27.80 19.68 -12.62
CA SER A 168 -27.64 19.14 -13.97
C SER A 168 -28.19 20.14 -14.99
N ARG A 169 -29.25 20.84 -14.62
CA ARG A 169 -29.83 21.82 -15.52
C ARG A 169 -28.90 23.02 -15.66
N VAL A 170 -28.21 23.37 -14.56
CA VAL A 170 -27.28 24.49 -14.61
C VAL A 170 -26.15 24.14 -15.57
N ILE A 171 -25.69 22.88 -15.52
CA ILE A 171 -24.62 22.48 -16.41
C ILE A 171 -25.11 22.45 -17.87
N ASP A 172 -26.32 21.96 -18.10
CA ASP A 172 -26.86 21.93 -19.46
C ASP A 172 -26.89 23.37 -20.00
N ALA A 173 -27.35 24.30 -19.18
CA ALA A 173 -27.45 25.71 -19.56
C ALA A 173 -26.09 26.32 -19.91
N LEU A 174 -25.07 25.96 -19.14
CA LEU A 174 -23.72 26.48 -19.38
C LEU A 174 -23.21 25.92 -20.70
N GLU A 175 -23.64 24.71 -21.05
CA GLU A 175 -23.23 24.11 -22.32
C GLU A 175 -23.89 24.91 -23.44
N LEU A 176 -25.14 25.32 -23.24
CA LEU A 176 -25.87 26.09 -24.25
C LEU A 176 -25.40 27.53 -24.36
N VAL A 177 -24.87 28.08 -23.27
CA VAL A 177 -24.44 29.48 -23.28
C VAL A 177 -22.96 29.71 -22.95
N PRO A 178 -22.07 29.51 -23.94
CA PRO A 178 -20.63 29.73 -23.70
C PRO A 178 -20.36 31.18 -23.30
N GLY A 179 -21.32 32.05 -23.55
CA GLY A 179 -21.19 33.43 -23.18
C GLY A 179 -21.09 33.61 -21.68
N ALA A 180 -21.43 32.56 -20.94
CA ALA A 180 -21.36 32.60 -19.47
C ALA A 180 -19.89 32.44 -19.08
N ARG A 181 -19.09 32.07 -20.07
CA ARG A 181 -17.66 31.89 -19.91
C ARG A 181 -17.22 30.86 -18.88
N ILE A 182 -17.95 29.76 -18.80
CA ILE A 182 -17.60 28.69 -17.87
C ILE A 182 -17.19 27.45 -18.65
N ASP A 183 -16.11 26.81 -18.23
CA ASP A 183 -15.61 25.60 -18.86
C ASP A 183 -16.47 24.45 -18.34
N THR A 184 -17.40 23.95 -19.15
CA THR A 184 -18.29 22.88 -18.71
C THR A 184 -17.62 21.53 -18.46
N THR A 185 -16.34 21.41 -18.78
CA THR A 185 -15.63 20.15 -18.55
C THR A 185 -14.85 20.24 -17.24
N LYS A 186 -14.96 21.39 -16.56
CA LYS A 186 -14.26 21.61 -15.30
C LYS A 186 -15.18 22.21 -14.26
N ILE A 187 -16.26 21.50 -13.95
CA ILE A 187 -17.21 21.97 -12.96
C ILE A 187 -17.25 21.13 -11.69
N GLY A 188 -17.20 21.80 -10.55
CA GLY A 188 -17.24 21.10 -9.28
C GLY A 188 -18.50 21.52 -8.55
N VAL A 189 -18.72 20.97 -7.35
CA VAL A 189 -19.89 21.30 -6.56
C VAL A 189 -19.53 21.27 -5.09
N THR A 190 -20.16 22.14 -4.30
CA THR A 190 -19.88 22.20 -2.88
C THR A 190 -21.07 22.77 -2.11
N GLY A 191 -21.09 22.51 -0.81
CA GLY A 191 -22.15 22.99 0.06
C GLY A 191 -21.76 22.60 1.47
N CYS A 192 -22.22 23.35 2.47
CA CYS A 192 -21.88 23.02 3.86
C CYS A 192 -23.14 22.70 4.68
N SER A 193 -22.94 21.88 5.71
CA SER A 193 -24.03 21.45 6.59
C SER A 193 -25.13 20.79 5.76
N ARG A 194 -26.37 21.26 5.89
CA ARG A 194 -27.46 20.65 5.12
C ARG A 194 -27.19 20.71 3.62
N ASN A 195 -26.46 21.73 3.19
CA ASN A 195 -26.14 21.86 1.77
C ASN A 195 -24.99 20.93 1.38
N GLY A 196 -24.31 20.41 2.39
CA GLY A 196 -23.20 19.49 2.15
C GLY A 196 -23.75 18.14 1.73
N LYS A 197 -24.83 17.72 2.38
CA LYS A 197 -25.48 16.46 2.06
C LYS A 197 -25.92 16.59 0.60
N GLY A 198 -26.41 17.77 0.25
CA GLY A 198 -26.86 18.04 -1.11
C GLY A 198 -25.74 17.94 -2.12
N ALA A 199 -24.59 18.52 -1.80
CA ALA A 199 -23.44 18.51 -2.70
C ALA A 199 -22.98 17.07 -2.95
N MET A 200 -23.05 16.24 -1.91
CA MET A 200 -22.65 14.85 -2.05
C MET A 200 -23.55 14.15 -3.07
N VAL A 201 -24.86 14.37 -2.93
CA VAL A 201 -25.82 13.76 -3.84
C VAL A 201 -25.64 14.27 -5.28
N ALA A 202 -25.33 15.56 -5.42
CA ALA A 202 -25.12 16.12 -6.76
C ALA A 202 -23.95 15.45 -7.46
N GLY A 203 -22.84 15.30 -6.75
CA GLY A 203 -21.67 14.68 -7.33
C GLY A 203 -21.96 13.24 -7.71
N ALA A 204 -22.72 12.57 -6.86
CA ALA A 204 -23.08 11.18 -7.10
C ALA A 204 -24.00 10.99 -8.31
N PHE A 205 -24.99 11.86 -8.45
CA PHE A 205 -25.94 11.74 -9.56
C PHE A 205 -25.58 12.40 -10.90
N GLU A 206 -24.70 13.39 -10.86
CA GLU A 206 -24.31 14.09 -12.08
C GLU A 206 -22.85 13.79 -12.44
N LYS A 207 -22.66 12.87 -13.38
CA LYS A 207 -21.35 12.43 -13.82
C LYS A 207 -20.45 13.51 -14.43
N ARG A 208 -21.03 14.63 -14.87
CA ARG A 208 -20.20 15.68 -15.44
C ARG A 208 -19.42 16.46 -14.40
N ILE A 209 -19.81 16.31 -13.13
CA ILE A 209 -19.13 16.99 -12.03
C ILE A 209 -17.76 16.34 -11.80
N VAL A 210 -16.69 17.12 -11.99
CA VAL A 210 -15.32 16.60 -11.84
C VAL A 210 -14.76 16.63 -10.43
N LEU A 211 -15.30 17.48 -9.57
CA LEU A 211 -14.83 17.56 -8.20
C LEU A 211 -16.01 17.81 -7.27
N THR A 212 -16.21 16.92 -6.30
CA THR A 212 -17.30 17.03 -5.34
C THR A 212 -16.70 17.39 -3.99
N LEU A 213 -17.20 18.46 -3.38
CA LEU A 213 -16.67 18.93 -2.11
C LEU A 213 -17.72 19.08 -1.02
N PRO A 214 -18.18 17.96 -0.44
CA PRO A 214 -19.19 18.03 0.63
C PRO A 214 -18.51 18.49 1.90
N GLN A 215 -18.99 19.60 2.45
CA GLN A 215 -18.39 20.17 3.65
C GLN A 215 -19.25 19.94 4.89
N GLU A 216 -18.67 19.27 5.88
CA GLU A 216 -19.34 18.98 7.15
C GLU A 216 -20.79 18.56 6.91
N SER A 217 -20.98 17.54 6.07
CA SER A 217 -22.31 17.07 5.73
C SER A 217 -22.96 16.12 6.73
N GLY A 218 -22.15 15.50 7.59
CA GLY A 218 -22.67 14.60 8.60
C GLY A 218 -23.73 13.60 8.16
N ALA A 219 -24.75 13.42 9.00
CA ALA A 219 -25.82 12.49 8.69
C ALA A 219 -26.51 12.93 7.40
N GLY A 220 -26.62 12.01 6.46
CA GLY A 220 -27.23 12.35 5.18
C GLY A 220 -26.16 12.69 4.17
N GLY A 221 -24.91 12.81 4.63
CA GLY A 221 -23.81 13.14 3.75
C GLY A 221 -22.69 12.12 3.81
N SER A 222 -21.60 12.46 4.50
CA SER A 222 -20.46 11.56 4.62
C SER A 222 -20.60 10.48 5.70
N ALA A 223 -21.58 10.60 6.58
CA ALA A 223 -21.77 9.59 7.62
C ALA A 223 -22.54 8.38 7.07
N CYS A 224 -22.31 7.19 7.65
CA CYS A 224 -23.05 6.00 7.24
C CYS A 224 -24.15 5.81 8.26
N TRP A 225 -25.35 5.53 7.78
CA TRP A 225 -26.49 5.34 8.66
C TRP A 225 -26.20 4.29 9.72
N ARG A 226 -25.62 3.18 9.31
CA ARG A 226 -25.32 2.09 10.25
C ARG A 226 -24.39 2.47 11.39
N ILE A 227 -23.28 3.15 11.07
CA ILE A 227 -22.32 3.52 12.10
C ILE A 227 -22.88 4.58 13.04
N SER A 228 -23.66 5.52 12.51
CA SER A 228 -24.24 6.56 13.34
C SER A 228 -25.25 5.95 14.32
N ASP A 229 -26.02 4.97 13.85
CA ASP A 229 -26.99 4.31 14.71
C ASP A 229 -26.24 3.62 15.86
N TYR A 230 -25.19 2.90 15.53
CA TYR A 230 -24.40 2.19 16.54
C TYR A 230 -23.87 3.18 17.58
N LEU A 231 -23.35 4.31 17.10
CA LEU A 231 -22.82 5.34 17.99
C LEU A 231 -23.92 5.88 18.90
N LYS A 232 -25.11 6.06 18.35
CA LYS A 232 -26.23 6.57 19.12
C LYS A 232 -26.61 5.56 20.20
N SER A 233 -26.64 4.29 19.84
CA SER A 233 -26.99 3.24 20.80
C SER A 233 -25.94 3.14 21.90
N GLN A 234 -24.77 3.72 21.68
CA GLN A 234 -23.73 3.69 22.68
C GLN A 234 -23.78 4.97 23.53
N GLY A 235 -24.70 5.86 23.20
CA GLY A 235 -24.85 7.09 23.96
C GLY A 235 -24.31 8.36 23.35
N ALA A 236 -23.84 8.29 22.10
CA ALA A 236 -23.31 9.49 21.46
C ALA A 236 -24.41 10.46 21.06
N ASN A 237 -24.12 11.75 21.19
CA ASN A 237 -25.06 12.79 20.79
C ASN A 237 -24.81 13.00 19.31
N ILE A 238 -25.36 12.09 18.51
CA ILE A 238 -25.14 12.10 17.08
C ILE A 238 -26.44 12.08 16.27
N GLN A 239 -26.43 12.75 15.12
CA GLN A 239 -27.60 12.79 14.26
C GLN A 239 -27.71 11.45 13.53
N THR A 240 -28.92 10.91 13.51
CA THR A 240 -29.17 9.63 12.86
C THR A 240 -30.30 9.75 11.86
N ALA A 241 -30.51 8.69 11.09
CA ALA A 241 -31.55 8.64 10.08
C ALA A 241 -32.96 8.91 10.61
N SER A 242 -33.30 8.28 11.74
CA SER A 242 -34.63 8.46 12.31
C SER A 242 -34.95 9.89 12.73
N GLU A 243 -33.93 10.62 13.18
CA GLU A 243 -34.12 12.00 13.63
C GLU A 243 -34.07 13.00 12.49
N ILE A 244 -33.19 12.78 11.53
CA ILE A 244 -33.00 13.72 10.43
C ILE A 244 -34.21 13.95 9.50
N ILE A 245 -34.97 12.89 9.21
CA ILE A 245 -36.14 13.01 8.32
C ILE A 245 -37.26 13.87 8.89
N GLY A 246 -37.12 14.28 10.16
CA GLY A 246 -38.13 15.10 10.78
C GLY A 246 -37.80 16.59 10.72
N GLU A 247 -36.65 16.91 10.15
CA GLU A 247 -36.20 18.30 10.05
C GLU A 247 -36.52 18.96 8.70
N ASP A 248 -36.52 18.15 7.64
CA ASP A 248 -36.80 18.65 6.30
C ASP A 248 -37.05 17.49 5.36
N PRO A 249 -37.65 17.77 4.19
CA PRO A 249 -37.96 16.75 3.19
C PRO A 249 -36.77 16.45 2.26
N TRP A 250 -35.58 16.34 2.84
CA TRP A 250 -34.38 16.05 2.05
C TRP A 250 -34.42 14.69 1.38
N PHE A 251 -34.98 13.72 2.08
CA PHE A 251 -35.07 12.36 1.58
C PHE A 251 -36.49 12.09 1.09
N SER A 252 -36.68 10.98 0.37
CA SER A 252 -38.02 10.63 -0.12
C SER A 252 -38.89 10.26 1.07
N THR A 253 -40.21 10.32 0.89
CA THR A 253 -41.11 9.95 1.98
C THR A 253 -40.94 8.46 2.29
N THR A 254 -40.59 7.69 1.26
CA THR A 254 -40.37 6.25 1.40
C THR A 254 -39.28 5.96 2.44
N PHE A 255 -38.26 6.80 2.48
CA PHE A 255 -37.18 6.62 3.43
C PHE A 255 -37.67 6.53 4.87
N ASN A 256 -38.78 7.21 5.19
CA ASN A 256 -39.32 7.18 6.54
C ASN A 256 -39.71 5.77 6.97
N SER A 257 -39.85 4.88 6.00
CA SER A 257 -40.22 3.50 6.31
C SER A 257 -39.01 2.63 6.68
N TYR A 258 -37.79 3.11 6.41
CA TYR A 258 -36.59 2.35 6.69
C TYR A 258 -35.67 2.99 7.72
N VAL A 259 -35.97 4.23 8.04
CA VAL A 259 -35.19 5.02 8.97
C VAL A 259 -34.94 4.30 10.29
N ASN A 260 -35.92 3.53 10.76
CA ASN A 260 -35.79 2.81 12.02
C ASN A 260 -35.43 1.34 11.81
N GLN A 261 -34.97 1.01 10.61
CA GLN A 261 -34.56 -0.36 10.28
C GLN A 261 -33.50 -0.33 9.18
N VAL A 262 -32.54 0.57 9.37
CA VAL A 262 -31.44 0.79 8.43
C VAL A 262 -30.73 -0.48 7.92
N PRO A 263 -30.49 -1.45 8.80
CA PRO A 263 -29.81 -2.69 8.37
C PRO A 263 -30.38 -3.39 7.14
N VAL A 264 -31.67 -3.20 6.86
CA VAL A 264 -32.28 -3.85 5.70
C VAL A 264 -31.97 -3.15 4.39
N LEU A 265 -31.48 -1.91 4.47
CA LEU A 265 -31.14 -1.16 3.27
C LEU A 265 -30.02 -1.88 2.51
N PRO A 266 -30.22 -2.09 1.19
CA PRO A 266 -29.19 -2.77 0.41
C PRO A 266 -28.02 -1.85 0.07
N PHE A 267 -27.76 -0.88 0.94
CA PHE A 267 -26.67 0.08 0.75
C PHE A 267 -26.55 0.97 1.98
N ASP A 268 -25.59 1.89 1.92
CA ASP A 268 -25.41 2.88 2.97
C ASP A 268 -24.72 4.03 2.27
N HIS A 269 -24.30 5.06 2.99
CA HIS A 269 -23.69 6.17 2.31
C HIS A 269 -22.31 5.96 1.74
N HIS A 270 -21.71 4.80 1.99
CA HIS A 270 -20.42 4.53 1.39
C HIS A 270 -20.73 4.19 -0.06
N SER A 271 -21.92 3.63 -0.28
CA SER A 271 -22.40 3.27 -1.61
C SER A 271 -22.65 4.56 -2.39
N LEU A 272 -23.35 5.49 -1.75
CA LEU A 272 -23.66 6.78 -2.36
C LEU A 272 -22.38 7.47 -2.82
N ALA A 273 -21.41 7.57 -1.92
CA ALA A 273 -20.14 8.22 -2.25
C ALA A 273 -19.44 7.51 -3.40
N ALA A 274 -19.52 6.18 -3.40
CA ALA A 274 -18.88 5.37 -4.42
C ALA A 274 -19.40 5.62 -5.83
N LEU A 275 -20.55 6.29 -5.93
CA LEU A 275 -21.13 6.60 -7.25
C LEU A 275 -20.31 7.69 -7.92
N ILE A 276 -19.48 8.38 -7.15
CA ILE A 276 -18.65 9.45 -7.68
C ILE A 276 -17.37 8.92 -8.33
N ALA A 277 -16.92 7.75 -7.87
CA ALA A 277 -15.71 7.13 -8.41
C ALA A 277 -15.86 6.92 -9.92
N PRO A 278 -14.77 7.11 -10.69
CA PRO A 278 -13.41 7.49 -10.29
C PRO A 278 -13.17 9.00 -10.19
N ARG A 279 -14.23 9.77 -10.34
CA ARG A 279 -14.14 11.23 -10.29
C ARG A 279 -13.68 11.79 -8.96
N GLY A 280 -13.25 13.05 -8.97
CA GLY A 280 -12.75 13.68 -7.77
C GLY A 280 -13.74 13.89 -6.63
N LEU A 281 -13.28 13.57 -5.42
CA LEU A 281 -14.11 13.75 -4.23
C LEU A 281 -13.23 14.06 -3.04
N PHE A 282 -13.49 15.18 -2.37
CA PHE A 282 -12.72 15.55 -1.20
C PHE A 282 -13.71 15.93 -0.10
N VAL A 283 -13.79 15.07 0.90
CA VAL A 283 -14.71 15.26 2.01
C VAL A 283 -14.05 16.12 3.08
N ILE A 284 -14.60 17.31 3.29
CA ILE A 284 -14.07 18.26 4.25
C ILE A 284 -14.88 18.18 5.54
N ASP A 285 -14.39 17.41 6.52
CA ASP A 285 -15.12 17.26 7.77
C ASP A 285 -14.57 17.99 8.99
N ASN A 286 -15.21 17.76 10.12
CA ASN A 286 -14.83 18.49 11.33
C ASN A 286 -15.36 17.77 12.56
N ASN A 287 -14.66 17.87 13.69
CA ASN A 287 -15.15 17.19 14.88
C ASN A 287 -16.20 17.96 15.65
N ILE A 288 -17.45 17.68 15.31
CA ILE A 288 -18.61 18.25 15.98
C ILE A 288 -19.45 17.00 16.19
N ASP A 289 -19.71 16.66 17.46
CA ASP A 289 -20.45 15.46 17.79
C ASP A 289 -21.68 15.14 16.95
N TRP A 290 -22.52 16.14 16.73
CA TRP A 290 -23.76 15.96 15.96
C TRP A 290 -23.51 15.43 14.54
N LEU A 291 -22.37 15.77 13.96
CA LEU A 291 -22.04 15.31 12.61
C LEU A 291 -21.69 13.83 12.59
N GLY A 292 -21.14 13.35 13.70
CA GLY A 292 -20.74 11.95 13.81
C GLY A 292 -19.42 11.74 13.06
N PRO A 293 -18.36 12.49 13.42
CA PRO A 293 -17.05 12.36 12.76
C PRO A 293 -16.49 10.94 12.62
N GLN A 294 -16.69 10.08 13.62
CA GLN A 294 -16.17 8.73 13.50
C GLN A 294 -16.99 7.92 12.50
N SER A 295 -18.29 8.21 12.41
CA SER A 295 -19.15 7.51 11.47
C SER A 295 -18.78 7.96 10.06
N CYS A 296 -18.51 9.25 9.91
CA CYS A 296 -18.13 9.77 8.60
C CYS A 296 -16.82 9.15 8.14
N PHE A 297 -15.84 9.07 9.03
CA PHE A 297 -14.56 8.50 8.67
C PHE A 297 -14.67 7.02 8.34
N GLY A 298 -15.39 6.26 9.14
CA GLY A 298 -15.54 4.84 8.88
C GLY A 298 -16.24 4.63 7.54
N CYS A 299 -17.25 5.44 7.31
CA CYS A 299 -18.05 5.39 6.08
C CYS A 299 -17.23 5.70 4.85
N MET A 300 -16.52 6.82 4.89
CA MET A 300 -15.72 7.23 3.75
C MET A 300 -14.52 6.32 3.52
N THR A 301 -14.05 5.68 4.58
CA THR A 301 -12.92 4.75 4.46
C THR A 301 -13.37 3.60 3.55
N ALA A 302 -14.62 3.18 3.71
CA ALA A 302 -15.17 2.11 2.90
C ALA A 302 -15.41 2.61 1.49
N ALA A 303 -15.93 3.83 1.38
CA ALA A 303 -16.19 4.42 0.07
C ALA A 303 -14.91 4.52 -0.73
N HIS A 304 -13.81 4.86 -0.06
CA HIS A 304 -12.52 5.01 -0.72
C HIS A 304 -12.09 3.75 -1.45
N MET A 305 -12.57 2.60 -0.98
CA MET A 305 -12.20 1.33 -1.59
C MET A 305 -12.66 1.24 -3.05
N ALA A 306 -13.66 2.05 -3.43
CA ALA A 306 -14.14 2.07 -4.80
C ALA A 306 -13.05 2.62 -5.72
N TRP A 307 -12.38 3.68 -5.26
CA TRP A 307 -11.29 4.31 -6.00
C TRP A 307 -10.04 3.42 -5.98
N GLN A 308 -9.82 2.77 -4.85
CA GLN A 308 -8.68 1.88 -4.72
C GLN A 308 -8.82 0.75 -5.75
N ALA A 309 -10.04 0.25 -5.90
CA ALA A 309 -10.30 -0.85 -6.84
C ALA A 309 -10.10 -0.40 -8.28
N LEU A 310 -10.43 0.86 -8.56
CA LEU A 310 -10.29 1.41 -9.89
C LEU A 310 -8.89 1.93 -10.17
N GLY A 311 -7.99 1.74 -9.21
CA GLY A 311 -6.61 2.17 -9.39
C GLY A 311 -6.37 3.67 -9.35
N VAL A 312 -7.27 4.41 -8.70
CA VAL A 312 -7.12 5.85 -8.61
C VAL A 312 -7.39 6.34 -7.18
N SER A 313 -6.70 5.73 -6.22
CA SER A 313 -6.89 6.09 -4.81
C SER A 313 -6.78 7.58 -4.51
N ASP A 314 -5.83 8.27 -5.14
CA ASP A 314 -5.67 9.68 -4.84
C ASP A 314 -6.71 10.61 -5.43
N HIS A 315 -7.74 10.05 -6.06
CA HIS A 315 -8.81 10.90 -6.60
C HIS A 315 -9.83 11.21 -5.51
N MET A 316 -9.75 10.50 -4.38
CA MET A 316 -10.66 10.78 -3.27
C MET A 316 -9.89 11.05 -1.99
N GLY A 317 -10.18 12.18 -1.37
CA GLY A 317 -9.52 12.54 -0.13
C GLY A 317 -10.55 12.72 0.97
N TYR A 318 -10.06 12.75 2.21
CA TYR A 318 -10.93 12.93 3.37
C TYR A 318 -10.10 13.65 4.43
N SER A 319 -10.69 14.64 5.08
CA SER A 319 -9.96 15.36 6.11
C SER A 319 -10.79 15.91 7.25
N GLN A 320 -10.41 15.51 8.47
CA GLN A 320 -11.04 15.97 9.69
C GLN A 320 -9.85 16.19 10.59
N ILE A 321 -9.64 17.45 10.98
CA ILE A 321 -8.50 17.82 11.81
C ILE A 321 -8.97 18.62 13.01
N GLY A 322 -9.08 17.95 14.15
CA GLY A 322 -9.54 18.64 15.35
C GLY A 322 -10.95 19.16 15.16
N ALA A 323 -11.27 20.22 15.89
CA ALA A 323 -12.60 20.82 15.82
C ALA A 323 -12.51 22.33 15.63
N HIS A 324 -13.52 22.88 14.98
CA HIS A 324 -13.60 24.31 14.73
C HIS A 324 -15.05 24.69 14.51
N ALA A 325 -15.33 26.00 14.46
CA ALA A 325 -16.70 26.48 14.26
C ALA A 325 -17.32 25.87 13.02
N HIS A 326 -18.59 25.47 13.13
CA HIS A 326 -19.31 24.85 12.02
C HIS A 326 -19.31 25.70 10.75
N CYS A 327 -18.88 25.10 9.65
CA CYS A 327 -18.81 25.74 8.33
C CYS A 327 -17.82 26.88 8.18
N ALA A 328 -16.94 27.04 9.15
CA ALA A 328 -15.90 28.06 9.06
C ALA A 328 -14.68 27.30 8.57
N PHE A 329 -14.44 27.34 7.26
CA PHE A 329 -13.31 26.62 6.66
C PHE A 329 -12.00 26.94 7.37
N PRO A 330 -11.31 25.91 7.89
CA PRO A 330 -10.04 26.05 8.60
C PRO A 330 -8.80 26.17 7.74
N SER A 331 -7.87 27.01 8.18
CA SER A 331 -6.63 27.20 7.44
C SER A 331 -5.82 25.92 7.36
N ASN A 332 -5.95 25.02 8.34
CA ASN A 332 -5.16 23.79 8.27
C ASN A 332 -5.63 22.82 7.20
N GLN A 333 -6.68 23.19 6.47
CA GLN A 333 -7.19 22.36 5.38
C GLN A 333 -7.08 23.09 4.05
N GLN A 334 -6.55 24.31 4.08
CA GLN A 334 -6.43 25.07 2.84
C GLN A 334 -5.55 24.43 1.77
N SER A 335 -4.37 23.95 2.15
CA SER A 335 -3.49 23.33 1.17
C SER A 335 -4.10 22.06 0.58
N GLN A 336 -4.90 21.34 1.37
CA GLN A 336 -5.54 20.11 0.89
C GLN A 336 -6.63 20.44 -0.13
N LEU A 337 -7.46 21.43 0.17
CA LEU A 337 -8.51 21.84 -0.76
C LEU A 337 -7.87 22.32 -2.07
N THR A 338 -6.85 23.15 -1.95
CA THR A 338 -6.17 23.68 -3.14
C THR A 338 -5.57 22.56 -3.98
N ALA A 339 -5.02 21.55 -3.33
CA ALA A 339 -4.44 20.43 -4.06
C ALA A 339 -5.51 19.79 -4.96
N PHE A 340 -6.69 19.50 -4.41
CA PHE A 340 -7.76 18.91 -5.19
C PHE A 340 -8.31 19.86 -6.27
N VAL A 341 -8.38 21.14 -5.93
CA VAL A 341 -8.86 22.12 -6.89
C VAL A 341 -7.91 22.18 -8.08
N GLN A 342 -6.62 22.26 -7.81
CA GLN A 342 -5.65 22.34 -8.89
C GLN A 342 -5.66 21.10 -9.77
N LYS A 343 -5.76 19.94 -9.15
CA LYS A 343 -5.76 18.70 -9.92
C LYS A 343 -7.01 18.50 -10.78
N PHE A 344 -8.18 18.62 -10.17
CA PHE A 344 -9.42 18.40 -10.91
C PHE A 344 -10.05 19.56 -11.64
N LEU A 345 -9.88 20.78 -11.12
CA LEU A 345 -10.45 21.94 -11.78
C LEU A 345 -9.45 22.64 -12.69
N LEU A 346 -8.17 22.59 -12.33
CA LEU A 346 -7.14 23.26 -13.12
C LEU A 346 -6.23 22.32 -13.92
N GLY A 347 -6.48 21.02 -13.82
CA GLY A 347 -5.69 20.06 -14.56
C GLY A 347 -4.22 19.91 -14.19
N GLN A 348 -3.88 20.16 -12.94
CA GLN A 348 -2.50 20.03 -12.47
C GLN A 348 -2.27 18.66 -11.83
N SER A 349 -1.02 18.33 -11.52
CA SER A 349 -0.70 17.02 -10.93
C SER A 349 -0.32 17.05 -9.46
N THR A 350 -0.79 18.05 -8.73
CA THR A 350 -0.48 18.17 -7.32
C THR A 350 -0.76 16.87 -6.57
N ASN A 351 -0.09 16.66 -5.45
CA ASN A 351 -0.33 15.45 -4.68
C ASN A 351 -1.66 15.55 -3.95
N THR A 352 -2.47 14.49 -4.03
CA THR A 352 -3.76 14.48 -3.37
C THR A 352 -3.97 13.25 -2.50
N ALA A 353 -2.88 12.76 -1.93
CA ALA A 353 -2.91 11.60 -1.03
C ALA A 353 -3.25 12.18 0.34
N ILE A 354 -4.54 12.41 0.54
CA ILE A 354 -5.05 13.02 1.76
C ILE A 354 -6.21 12.20 2.30
N PHE A 355 -6.01 11.59 3.48
CA PHE A 355 -7.07 10.78 4.07
C PHE A 355 -6.76 10.67 5.56
N GLN A 356 -7.37 11.54 6.36
CA GLN A 356 -7.10 11.54 7.79
C GLN A 356 -8.28 11.92 8.67
N SER A 357 -8.22 11.48 9.93
CA SER A 357 -9.24 11.72 10.93
C SER A 357 -8.66 11.44 12.31
N ASP A 358 -9.21 12.06 13.35
CA ASP A 358 -8.72 11.82 14.70
C ASP A 358 -9.51 10.67 15.31
N PHE A 359 -10.31 10.00 14.49
CA PHE A 359 -11.14 8.90 14.96
C PHE A 359 -10.74 7.60 14.27
N SER A 360 -11.12 6.47 14.88
CA SER A 360 -10.80 5.16 14.32
C SER A 360 -11.85 4.70 13.32
N ALA A 361 -11.40 4.28 12.14
CA ALA A 361 -12.30 3.83 11.08
C ALA A 361 -13.07 2.57 11.49
N ASN A 362 -12.44 1.72 12.31
CA ASN A 362 -13.08 0.48 12.76
C ASN A 362 -13.47 -0.44 11.61
N GLN A 363 -12.56 -0.62 10.67
CA GLN A 363 -12.81 -1.46 9.51
C GLN A 363 -13.17 -2.92 9.80
N SER A 364 -12.54 -3.51 10.80
CA SER A 364 -12.83 -4.91 11.12
C SER A 364 -14.27 -5.08 11.60
N GLN A 365 -14.83 -4.01 12.15
CA GLN A 365 -16.19 -4.05 12.65
C GLN A 365 -17.23 -3.75 11.57
N TRP A 366 -16.90 -2.87 10.63
CA TRP A 366 -17.86 -2.47 9.61
C TRP A 366 -17.61 -2.97 8.19
N ILE A 367 -16.41 -3.45 7.91
CA ILE A 367 -16.08 -3.95 6.57
C ILE A 367 -15.65 -5.42 6.62
N ASP A 368 -16.47 -6.28 6.03
CA ASP A 368 -16.18 -7.71 6.00
C ASP A 368 -16.05 -8.21 4.56
N TRP A 369 -15.60 -7.32 3.67
CA TRP A 369 -15.40 -7.68 2.28
C TRP A 369 -14.06 -7.12 1.81
N THR A 370 -13.49 -7.76 0.79
CA THR A 370 -12.20 -7.35 0.25
C THR A 370 -12.34 -6.40 -0.92
N THR A 371 -11.25 -5.74 -1.28
CA THR A 371 -11.22 -4.80 -2.40
C THR A 371 -10.46 -5.41 -3.57
N PRO A 372 -11.13 -5.64 -4.69
CA PRO A 372 -10.50 -6.23 -5.87
C PRO A 372 -9.80 -5.20 -6.75
N THR A 373 -8.90 -5.68 -7.60
CA THR A 373 -8.21 -4.82 -8.54
C THR A 373 -9.04 -5.01 -9.80
N LEU A 374 -9.90 -4.06 -10.10
CA LEU A 374 -10.77 -4.17 -11.26
C LEU A 374 -10.05 -4.14 -12.60
N SER A 375 -10.37 -5.14 -13.43
CA SER A 375 -9.78 -5.28 -14.76
C SER A 375 -10.47 -4.41 -15.80
N THR B 10 1.97 36.83 -14.17
CA THR B 10 2.29 38.23 -13.77
C THR B 10 3.71 38.39 -13.25
N CYS B 11 4.63 37.54 -13.75
CA CYS B 11 6.02 37.62 -13.32
C CYS B 11 6.86 38.50 -14.24
N SER B 12 7.65 39.38 -13.65
CA SER B 12 8.52 40.25 -14.44
C SER B 12 9.79 39.45 -14.71
N ALA B 13 10.37 39.60 -15.89
CA ALA B 13 11.60 38.89 -16.22
C ALA B 13 12.79 39.62 -15.60
N LEU B 14 13.79 38.87 -15.16
CA LEU B 14 14.98 39.45 -14.56
C LEU B 14 15.74 40.20 -15.67
N PRO B 15 16.17 41.43 -15.39
CA PRO B 15 16.91 42.19 -16.41
C PRO B 15 18.22 41.52 -16.80
N GLY B 16 18.61 41.68 -18.07
CA GLY B 16 19.83 41.08 -18.56
C GLY B 16 21.05 41.40 -17.72
N SER B 17 21.14 42.64 -17.23
CA SER B 17 22.27 43.08 -16.42
C SER B 17 21.81 43.48 -15.02
N ILE B 18 22.40 42.86 -14.00
CA ILE B 18 22.05 43.17 -12.61
C ILE B 18 23.30 43.34 -11.77
N THR B 19 23.14 43.89 -10.57
CA THR B 19 24.26 44.12 -9.68
C THR B 19 24.13 43.26 -8.45
N LEU B 20 25.07 42.34 -8.26
CA LEU B 20 25.06 41.45 -7.11
C LEU B 20 25.51 42.20 -5.86
N ARG B 21 25.02 41.77 -4.71
CA ARG B 21 25.34 42.38 -3.43
C ARG B 21 25.59 41.24 -2.43
N SER B 22 26.78 41.20 -1.86
CA SER B 22 27.14 40.13 -0.93
C SER B 22 26.20 39.95 0.25
N ASN B 23 25.91 38.69 0.55
CA ASN B 23 25.02 38.33 1.65
C ASN B 23 25.68 37.11 2.29
N ALA B 24 26.19 37.30 3.50
CA ALA B 24 26.89 36.24 4.22
C ALA B 24 26.03 35.04 4.59
N LYS B 25 24.81 35.31 5.05
CA LYS B 25 23.90 34.23 5.44
C LYS B 25 23.12 33.71 4.24
N LEU B 26 22.35 32.64 4.45
CA LEU B 26 21.55 32.07 3.37
C LEU B 26 20.58 33.14 2.90
N ASN B 27 20.52 33.34 1.58
CA ASN B 27 19.64 34.37 1.02
C ASN B 27 18.18 34.12 1.42
N ASP B 28 17.45 35.20 1.67
CA ASP B 28 16.05 35.13 2.06
C ASP B 28 15.21 34.62 0.90
N LEU B 29 14.65 33.42 1.05
CA LEU B 29 13.82 32.83 -0.01
C LEU B 29 12.60 33.68 -0.33
N PHE B 30 12.10 34.39 0.67
CA PHE B 30 10.88 35.18 0.51
C PHE B 30 11.01 36.67 0.24
N THR B 31 12.13 37.08 -0.34
CA THR B 31 12.35 38.47 -0.71
C THR B 31 12.91 38.40 -2.13
N MET B 32 12.25 39.06 -3.07
CA MET B 32 12.67 39.07 -4.45
C MET B 32 14.03 39.75 -4.57
N PHE B 33 14.69 39.55 -5.70
CA PHE B 33 15.99 40.15 -5.95
C PHE B 33 15.89 41.67 -5.82
N ASN B 34 14.77 42.23 -6.28
CA ASN B 34 14.56 43.67 -6.22
C ASN B 34 14.16 44.17 -4.85
N GLY B 35 14.03 43.24 -3.90
CA GLY B 35 13.68 43.61 -2.54
C GLY B 35 12.23 43.44 -2.11
N ASP B 36 11.33 43.19 -3.05
CA ASP B 36 9.92 43.02 -2.70
C ASP B 36 9.72 41.76 -1.85
N LYS B 37 8.86 41.85 -0.84
CA LYS B 37 8.59 40.68 -0.01
C LYS B 37 7.58 39.78 -0.72
N VAL B 38 7.77 38.47 -0.57
CA VAL B 38 6.87 37.51 -1.19
C VAL B 38 5.82 37.14 -0.14
N THR B 39 4.55 37.38 -0.45
CA THR B 39 3.48 37.09 0.49
C THR B 39 2.39 36.19 -0.07
N THR B 40 2.43 35.94 -1.37
CA THR B 40 1.40 35.11 -1.98
C THR B 40 2.01 33.90 -2.68
N LYS B 41 1.18 32.90 -2.95
CA LYS B 41 1.64 31.70 -3.64
C LYS B 41 2.04 32.03 -5.06
N ASP B 42 1.29 32.92 -5.71
CA ASP B 42 1.63 33.30 -7.08
C ASP B 42 2.99 33.97 -7.10
N LYS B 43 3.19 34.90 -6.16
CA LYS B 43 4.45 35.61 -6.09
C LYS B 43 5.60 34.63 -5.87
N PHE B 44 5.41 33.67 -4.97
CA PHE B 44 6.49 32.72 -4.72
C PHE B 44 6.78 31.94 -5.99
N SER B 45 5.77 31.74 -6.82
CA SER B 45 5.98 31.05 -8.08
C SER B 45 6.93 31.89 -8.91
N CYS B 46 6.75 33.21 -8.87
CA CYS B 46 7.61 34.13 -9.62
C CYS B 46 9.00 34.09 -9.01
N ARG B 47 9.08 34.01 -7.69
CA ARG B 47 10.37 33.96 -6.99
C ARG B 47 11.15 32.72 -7.42
N GLN B 48 10.45 31.59 -7.61
CA GLN B 48 11.13 30.37 -8.02
C GLN B 48 11.68 30.54 -9.42
N ALA B 49 10.88 31.13 -10.31
CA ALA B 49 11.32 31.35 -11.69
C ALA B 49 12.56 32.23 -11.68
N GLU B 50 12.57 33.20 -10.76
CA GLU B 50 13.70 34.12 -10.63
C GLU B 50 14.94 33.42 -10.08
N MET B 51 14.77 32.64 -9.03
CA MET B 51 15.91 31.92 -8.45
C MET B 51 16.47 30.95 -9.49
N SER B 52 15.60 30.33 -10.28
CA SER B 52 16.04 29.39 -11.30
C SER B 52 16.88 30.12 -12.35
N GLU B 53 16.45 31.32 -12.72
CA GLU B 53 17.17 32.11 -13.72
C GLU B 53 18.53 32.50 -13.17
N LEU B 54 18.58 32.91 -11.90
CA LEU B 54 19.85 33.31 -11.30
C LEU B 54 20.80 32.14 -11.21
N ILE B 55 20.27 31.00 -10.81
CA ILE B 55 21.06 29.78 -10.69
C ILE B 55 21.64 29.41 -12.05
N GLN B 56 20.84 29.54 -13.09
CA GLN B 56 21.31 29.21 -14.43
C GLN B 56 22.40 30.17 -14.91
N ARG B 57 22.22 31.46 -14.65
CA ARG B 57 23.20 32.47 -15.09
C ARG B 57 24.56 32.36 -14.41
N TYR B 58 24.55 32.18 -13.09
CA TYR B 58 25.79 32.14 -12.33
C TYR B 58 26.41 30.79 -11.98
N GLU B 59 25.58 29.76 -11.86
CA GLU B 59 26.12 28.47 -11.46
C GLU B 59 25.98 27.25 -12.37
N LEU B 60 24.77 27.02 -12.90
CA LEU B 60 24.54 25.83 -13.72
C LEU B 60 24.50 25.98 -15.23
N GLY B 61 24.32 27.20 -15.73
CA GLY B 61 24.26 27.38 -17.16
C GLY B 61 22.83 27.28 -17.65
N THR B 62 22.59 27.77 -18.86
CA THR B 62 21.26 27.78 -19.45
C THR B 62 20.63 26.44 -19.80
N LEU B 63 19.37 26.28 -19.41
CA LEU B 63 18.59 25.06 -19.67
C LEU B 63 17.74 25.23 -20.93
N PRO B 64 18.13 24.59 -22.03
CA PRO B 64 17.31 24.76 -23.23
C PRO B 64 15.96 24.07 -23.07
N GLY B 65 14.98 24.48 -23.86
CA GLY B 65 13.66 23.87 -23.78
C GLY B 65 13.55 22.65 -24.68
N ARG B 66 12.33 22.20 -24.93
CA ARG B 66 12.09 21.04 -25.77
C ARG B 66 12.60 21.26 -27.18
N PRO B 67 13.40 20.32 -27.71
CA PRO B 67 13.93 20.47 -29.07
C PRO B 67 12.80 20.48 -30.09
N SER B 68 13.04 21.09 -31.24
CA SER B 68 12.02 21.18 -32.29
C SER B 68 11.53 19.82 -32.77
N THR B 69 12.39 18.82 -32.72
CA THR B 69 12.02 17.47 -33.16
C THR B 69 12.21 16.46 -32.05
N LEU B 70 11.22 15.61 -31.83
CA LEU B 70 11.34 14.58 -30.79
C LEU B 70 10.48 13.37 -31.12
N THR B 71 11.14 12.23 -31.29
CA THR B 71 10.45 10.99 -31.59
C THR B 71 10.97 9.92 -30.65
N ALA B 72 10.17 8.89 -30.44
CA ALA B 72 10.59 7.81 -29.55
C ALA B 72 9.91 6.51 -29.91
N SER B 73 10.51 5.41 -29.48
CA SER B 73 9.96 4.09 -29.73
C SER B 73 10.38 3.18 -28.60
N PHE B 74 9.62 2.11 -28.40
CA PHE B 74 9.92 1.16 -27.35
C PHE B 74 9.91 -0.26 -27.89
N SER B 75 10.88 -1.07 -27.47
CA SER B 75 10.99 -2.47 -27.88
C SER B 75 11.86 -3.19 -26.84
N GLY B 76 11.50 -4.43 -26.52
CA GLY B 76 12.25 -5.15 -25.51
C GLY B 76 11.92 -4.43 -24.21
N ASN B 77 12.92 -3.82 -23.59
CA ASN B 77 12.69 -3.06 -22.36
C ASN B 77 13.51 -1.79 -22.53
N THR B 78 13.70 -1.42 -23.78
CA THR B 78 14.48 -0.24 -24.13
C THR B 78 13.67 0.83 -24.86
N LEU B 79 13.71 2.04 -24.31
CA LEU B 79 13.03 3.18 -24.91
C LEU B 79 14.08 4.02 -25.63
N THR B 80 13.89 4.22 -26.93
CA THR B 80 14.82 5.02 -27.73
C THR B 80 14.22 6.41 -27.92
N ILE B 81 15.04 7.43 -27.73
CA ILE B 81 14.60 8.82 -27.88
C ILE B 81 15.47 9.56 -28.88
N ASN B 82 14.83 10.20 -29.86
CA ASN B 82 15.52 10.95 -30.88
C ASN B 82 15.18 12.43 -30.76
N CYS B 83 16.19 13.29 -30.77
CA CYS B 83 15.98 14.72 -30.66
C CYS B 83 16.66 15.46 -31.79
N GLY B 84 15.97 16.48 -32.32
CA GLY B 84 16.51 17.28 -33.40
C GLY B 84 16.32 18.75 -33.08
N GLU B 85 17.25 19.58 -33.52
CA GLU B 85 17.18 21.02 -33.25
C GLU B 85 18.21 21.77 -34.09
N ALA B 86 17.73 22.73 -34.88
CA ALA B 86 18.60 23.54 -35.72
C ALA B 86 19.52 22.73 -36.63
N GLY B 87 18.98 21.70 -37.28
CA GLY B 87 19.79 20.90 -38.18
C GLY B 87 20.70 19.85 -37.58
N LYS B 88 20.67 19.70 -36.26
CA LYS B 88 21.48 18.71 -35.58
C LYS B 88 20.56 17.66 -34.96
N SER B 89 21.07 16.46 -34.70
CA SER B 89 20.24 15.42 -34.12
C SER B 89 21.04 14.40 -33.31
N ILE B 90 20.42 13.89 -32.25
CA ILE B 90 21.04 12.89 -31.39
C ILE B 90 20.00 11.83 -31.06
N SER B 91 20.47 10.72 -30.48
CA SER B 91 19.59 9.64 -30.08
C SER B 91 20.21 8.94 -28.87
N PHE B 92 19.40 8.66 -27.87
CA PHE B 92 19.90 7.96 -26.70
C PHE B 92 18.85 6.97 -26.25
N THR B 93 19.19 6.14 -25.28
CA THR B 93 18.25 5.13 -24.81
C THR B 93 18.24 4.94 -23.31
N VAL B 94 17.13 4.43 -22.81
CA VAL B 94 17.00 4.13 -21.39
C VAL B 94 16.35 2.75 -21.32
N THR B 95 16.65 2.01 -20.26
CA THR B 95 16.08 0.69 -20.07
C THR B 95 15.07 0.74 -18.92
N ILE B 96 14.02 -0.04 -19.04
CA ILE B 96 12.97 -0.07 -18.03
C ILE B 96 12.75 -1.43 -17.42
N THR B 97 12.68 -1.47 -16.09
CA THR B 97 12.44 -2.69 -15.34
C THR B 97 11.08 -2.49 -14.68
N TYR B 98 10.20 -3.48 -14.80
CA TYR B 98 8.86 -3.40 -14.23
C TYR B 98 8.71 -4.16 -12.92
N PRO B 99 7.88 -3.63 -11.99
CA PRO B 99 7.64 -4.23 -10.68
C PRO B 99 6.77 -5.50 -10.72
N SER B 100 6.95 -6.36 -9.73
CA SER B 100 6.20 -7.61 -9.64
C SER B 100 4.73 -7.34 -9.42
N SER B 101 4.41 -6.39 -8.53
CA SER B 101 3.03 -6.06 -8.24
C SER B 101 2.72 -4.69 -8.83
N GLY B 102 1.46 -4.29 -8.74
CA GLY B 102 1.04 -3.00 -9.27
C GLY B 102 0.36 -3.20 -10.61
N THR B 103 -0.16 -2.12 -11.19
CA THR B 103 -0.84 -2.19 -12.47
C THR B 103 -0.37 -1.08 -13.40
N ALA B 104 -0.15 -1.43 -14.67
CA ALA B 104 0.29 -0.44 -15.65
C ALA B 104 -0.90 0.44 -16.06
N PRO B 105 -0.63 1.71 -16.41
CA PRO B 105 0.70 2.34 -16.41
C PRO B 105 1.31 2.43 -15.01
N TYR B 106 2.57 2.06 -14.92
CA TYR B 106 3.29 2.06 -13.65
C TYR B 106 3.96 3.39 -13.33
N PRO B 107 4.00 3.75 -12.04
CA PRO B 107 4.66 5.00 -11.68
C PRO B 107 6.13 4.61 -11.82
N ALA B 108 7.03 5.57 -11.98
CA ALA B 108 8.41 5.17 -12.15
C ALA B 108 9.40 6.14 -11.57
N ILE B 109 10.62 5.63 -11.37
CA ILE B 109 11.70 6.45 -10.86
C ILE B 109 12.84 6.39 -11.88
N ILE B 110 13.26 7.56 -12.32
CA ILE B 110 14.36 7.66 -13.27
C ILE B 110 15.61 7.74 -12.40
N GLY B 111 16.49 6.75 -12.53
CA GLY B 111 17.69 6.75 -11.72
C GLY B 111 18.94 6.96 -12.54
N TYR B 112 19.71 7.98 -12.18
CA TYR B 112 20.96 8.28 -12.86
C TYR B 112 21.88 7.08 -12.69
N GLY B 113 22.18 6.41 -13.80
CA GLY B 113 23.03 5.23 -13.74
C GLY B 113 22.34 4.12 -12.98
N GLY B 114 21.03 4.22 -12.86
CA GLY B 114 20.26 3.22 -12.13
C GLY B 114 19.93 3.64 -10.71
N GLY B 115 20.71 4.57 -10.16
CA GLY B 115 20.46 5.02 -8.80
C GLY B 115 20.93 4.00 -7.79
N SER B 116 20.92 4.38 -6.52
CA SER B 116 21.36 3.47 -5.46
C SER B 116 20.30 3.21 -4.40
N LEU B 117 19.03 3.26 -4.81
CA LEU B 117 17.93 3.01 -3.89
C LEU B 117 17.34 1.66 -4.25
N PRO B 118 16.83 0.92 -3.24
CA PRO B 118 16.24 -0.38 -3.52
C PRO B 118 14.93 -0.15 -4.27
N ALA B 119 14.70 -0.91 -5.35
CA ALA B 119 13.50 -0.76 -6.15
C ALA B 119 12.23 -0.85 -5.31
N PRO B 120 11.42 0.23 -5.29
CA PRO B 120 10.17 0.25 -4.51
C PRO B 120 9.16 -0.75 -5.07
N ALA B 121 8.29 -1.24 -4.21
CA ALA B 121 7.27 -2.18 -4.65
C ALA B 121 6.28 -1.42 -5.53
N GLY B 122 5.87 -2.05 -6.62
CA GLY B 122 4.91 -1.45 -7.54
C GLY B 122 5.42 -0.26 -8.33
N VAL B 123 6.73 -0.05 -8.34
CA VAL B 123 7.30 1.07 -9.08
C VAL B 123 8.29 0.61 -10.14
N ALA B 124 8.17 1.14 -11.35
CA ALA B 124 9.08 0.78 -12.43
C ALA B 124 10.36 1.60 -12.31
N MET B 125 11.49 0.98 -12.64
CA MET B 125 12.77 1.66 -12.57
C MET B 125 13.29 1.92 -13.97
N ILE B 126 13.70 3.15 -14.25
CA ILE B 126 14.23 3.54 -15.55
C ILE B 126 15.70 3.92 -15.40
N ASN B 127 16.58 3.20 -16.08
CA ASN B 127 18.02 3.48 -16.01
C ASN B 127 18.43 4.55 -17.00
N PHE B 128 18.78 5.72 -16.48
CA PHE B 128 19.20 6.85 -17.30
C PHE B 128 20.71 7.00 -17.25
N ASN B 129 21.37 6.78 -18.39
CA ASN B 129 22.82 6.91 -18.47
C ASN B 129 23.14 8.37 -18.69
N ASN B 130 23.15 9.17 -17.62
CA ASN B 130 23.43 10.59 -17.74
C ASN B 130 24.80 10.90 -18.32
N ASP B 131 25.76 9.98 -18.11
CA ASP B 131 27.10 10.18 -18.62
C ASP B 131 27.15 10.35 -20.13
N ASN B 132 26.21 9.71 -20.83
CA ASN B 132 26.19 9.81 -22.29
C ASN B 132 25.59 11.14 -22.77
N ILE B 133 24.80 11.78 -21.92
CA ILE B 133 24.19 13.07 -22.27
C ILE B 133 25.24 14.16 -22.04
N ALA B 134 25.99 14.01 -20.96
CA ALA B 134 27.05 14.94 -20.59
C ALA B 134 28.09 14.14 -19.80
N ALA B 135 29.28 14.00 -20.37
CA ALA B 135 30.36 13.26 -19.74
C ALA B 135 30.88 13.87 -18.45
N GLN B 136 31.34 13.00 -17.55
CA GLN B 136 31.93 13.42 -16.30
C GLN B 136 33.19 12.58 -16.03
N VAL B 137 34.04 12.52 -17.04
CA VAL B 137 35.29 11.77 -16.98
C VAL B 137 36.31 12.57 -16.17
N ASN B 138 36.64 13.76 -16.67
CA ASN B 138 37.57 14.65 -15.96
C ASN B 138 37.29 16.06 -16.43
N THR B 139 38.14 17.01 -16.07
CA THR B 139 37.88 18.39 -16.48
C THR B 139 37.79 18.54 -17.99
N GLY B 140 38.45 17.63 -18.71
CA GLY B 140 38.43 17.66 -20.16
C GLY B 140 37.12 17.24 -20.80
N SER B 141 36.15 16.87 -19.97
CA SER B 141 34.83 16.45 -20.47
C SER B 141 33.97 17.67 -20.82
N ARG B 142 34.49 18.86 -20.50
CA ARG B 142 33.79 20.11 -20.78
C ARG B 142 33.28 20.18 -22.22
N GLY B 143 31.96 20.26 -22.37
CA GLY B 143 31.36 20.34 -23.69
C GLY B 143 31.27 19.01 -24.43
N GLN B 144 31.46 17.91 -23.71
CA GLN B 144 31.40 16.57 -24.29
C GLN B 144 30.11 15.85 -23.86
N GLY B 145 29.40 15.30 -24.83
CA GLY B 145 28.17 14.59 -24.54
C GLY B 145 27.13 14.79 -25.63
N LYS B 146 26.11 13.94 -25.67
CA LYS B 146 25.07 14.06 -26.70
C LYS B 146 24.33 15.38 -26.60
N PHE B 147 24.28 15.95 -25.39
CA PHE B 147 23.64 17.24 -25.19
C PHE B 147 24.38 18.27 -26.04
N TYR B 148 25.70 18.30 -25.92
CA TYR B 148 26.54 19.23 -26.66
C TYR B 148 26.63 18.93 -28.16
N ASP B 149 26.41 17.68 -28.53
CA ASP B 149 26.42 17.33 -29.95
C ASP B 149 25.21 18.03 -30.57
N LEU B 150 24.18 18.22 -29.75
CA LEU B 150 22.97 18.86 -30.25
C LEU B 150 23.02 20.39 -30.14
N TYR B 151 23.46 20.89 -28.98
CA TYR B 151 23.51 22.34 -28.77
C TYR B 151 24.84 23.03 -28.99
N GLY B 152 25.90 22.26 -29.17
CA GLY B 152 27.22 22.86 -29.39
C GLY B 152 28.09 22.74 -28.17
N SER B 153 29.37 22.44 -28.38
CA SER B 153 30.31 22.26 -27.28
C SER B 153 30.57 23.50 -26.40
N SER B 154 30.24 24.68 -26.90
CA SER B 154 30.47 25.87 -26.07
C SER B 154 29.17 26.36 -25.40
N HIS B 155 28.14 25.53 -25.42
CA HIS B 155 26.87 25.92 -24.80
C HIS B 155 27.16 26.15 -23.31
N SER B 156 26.52 27.15 -22.72
CA SER B 156 26.77 27.48 -21.32
C SER B 156 26.38 26.41 -20.32
N ALA B 157 25.48 25.52 -20.72
CA ALA B 157 25.04 24.47 -19.79
C ALA B 157 26.17 23.58 -19.29
N GLY B 158 26.20 23.40 -17.97
CA GLY B 158 27.18 22.52 -17.37
C GLY B 158 26.58 21.13 -17.46
N ALA B 159 27.29 20.11 -16.98
CA ALA B 159 26.78 18.74 -17.06
C ALA B 159 25.45 18.49 -16.32
N MET B 160 25.26 19.11 -15.17
CA MET B 160 24.03 18.89 -14.43
C MET B 160 22.82 19.43 -15.18
N THR B 161 22.95 20.61 -15.77
CA THR B 161 21.84 21.17 -16.53
C THR B 161 21.56 20.28 -17.73
N ALA B 162 22.62 19.81 -18.39
CA ALA B 162 22.47 18.95 -19.55
C ALA B 162 21.74 17.66 -19.17
N TRP B 163 22.11 17.08 -18.03
CA TRP B 163 21.47 15.85 -17.56
C TRP B 163 19.98 16.05 -17.32
N ALA B 164 19.61 17.18 -16.72
CA ALA B 164 18.21 17.46 -16.42
C ALA B 164 17.41 17.60 -17.73
N TRP B 165 18.02 18.24 -18.72
CA TRP B 165 17.38 18.39 -20.02
C TRP B 165 17.11 16.98 -20.56
N GLY B 166 18.05 16.08 -20.32
CA GLY B 166 17.89 14.71 -20.79
C GLY B 166 16.72 14.03 -20.11
N VAL B 167 16.59 14.24 -18.82
CA VAL B 167 15.49 13.64 -18.08
C VAL B 167 14.16 14.12 -18.65
N SER B 168 14.08 15.42 -18.98
CA SER B 168 12.86 15.99 -19.52
C SER B 168 12.51 15.30 -20.84
N ARG B 169 13.53 14.98 -21.62
CA ARG B 169 13.35 14.33 -22.90
C ARG B 169 12.84 12.90 -22.70
N VAL B 170 13.23 12.30 -21.58
CA VAL B 170 12.78 10.94 -21.27
C VAL B 170 11.29 10.98 -20.97
N ILE B 171 10.86 11.98 -20.19
CA ILE B 171 9.46 12.11 -19.85
C ILE B 171 8.65 12.44 -21.12
N ASP B 172 9.17 13.33 -21.96
CA ASP B 172 8.49 13.67 -23.21
C ASP B 172 8.22 12.39 -24.00
N ALA B 173 9.27 11.58 -24.14
CA ALA B 173 9.19 10.31 -24.87
C ALA B 173 8.15 9.38 -24.26
N LEU B 174 8.19 9.23 -22.94
CA LEU B 174 7.23 8.38 -22.26
C LEU B 174 5.80 8.85 -22.51
N GLU B 175 5.59 10.15 -22.66
CA GLU B 175 4.24 10.65 -22.91
C GLU B 175 3.79 10.29 -24.32
N LEU B 176 4.74 10.16 -25.23
CA LEU B 176 4.45 9.83 -26.62
C LEU B 176 4.39 8.32 -26.89
N VAL B 177 5.01 7.54 -26.02
CA VAL B 177 5.04 6.10 -26.19
C VAL B 177 4.36 5.36 -25.03
N PRO B 178 3.03 5.25 -25.08
CA PRO B 178 2.30 4.55 -24.02
C PRO B 178 2.69 3.09 -23.90
N GLY B 179 3.33 2.57 -24.96
CA GLY B 179 3.76 1.20 -24.95
C GLY B 179 4.78 0.89 -23.86
N ALA B 180 5.44 1.93 -23.36
CA ALA B 180 6.43 1.76 -22.29
C ALA B 180 5.74 1.47 -20.96
N ARG B 181 4.42 1.67 -20.94
CA ARG B 181 3.60 1.42 -19.76
C ARG B 181 3.97 2.24 -18.52
N ILE B 182 4.40 3.48 -18.72
CA ILE B 182 4.74 4.33 -17.59
C ILE B 182 3.69 5.43 -17.41
N ASP B 183 3.28 5.64 -16.16
CA ASP B 183 2.32 6.67 -15.81
C ASP B 183 3.13 7.95 -15.71
N THR B 184 3.07 8.80 -16.73
CA THR B 184 3.85 10.02 -16.74
C THR B 184 3.45 11.05 -15.68
N THR B 185 2.34 10.82 -14.97
CA THR B 185 1.93 11.73 -13.93
C THR B 185 2.48 11.26 -12.59
N LYS B 186 3.20 10.14 -12.60
CA LYS B 186 3.78 9.59 -11.38
C LYS B 186 5.25 9.19 -11.59
N ILE B 187 6.07 10.19 -11.90
CA ILE B 187 7.49 9.96 -12.15
C ILE B 187 8.41 10.65 -11.14
N GLY B 188 9.34 9.88 -10.59
CA GLY B 188 10.29 10.41 -9.63
C GLY B 188 11.67 10.35 -10.24
N VAL B 189 12.67 10.87 -9.52
CA VAL B 189 14.03 10.86 -10.01
C VAL B 189 14.98 10.66 -8.84
N THR B 190 16.09 9.96 -9.08
CA THR B 190 17.07 9.72 -8.03
C THR B 190 18.47 9.50 -8.60
N GLY B 191 19.46 9.64 -7.72
CA GLY B 191 20.85 9.45 -8.09
C GLY B 191 21.66 9.54 -6.81
N CYS B 192 22.83 8.91 -6.78
CA CYS B 192 23.66 8.92 -5.58
C CYS B 192 25.06 9.46 -5.86
N SER B 193 25.70 10.01 -4.82
CA SER B 193 27.05 10.52 -4.94
C SER B 193 27.14 11.61 -6.01
N ARG B 194 28.07 11.45 -6.94
CA ARG B 194 28.25 12.45 -8.00
C ARG B 194 26.94 12.70 -8.74
N ASN B 195 26.08 11.68 -8.79
CA ASN B 195 24.81 11.82 -9.48
C ASN B 195 23.69 12.37 -8.61
N GLY B 196 23.92 12.44 -7.30
CA GLY B 196 22.92 12.97 -6.39
C GLY B 196 22.61 14.42 -6.71
N LYS B 197 23.64 15.19 -7.04
CA LYS B 197 23.41 16.59 -7.35
C LYS B 197 22.69 16.69 -8.68
N GLY B 198 22.86 15.67 -9.53
CA GLY B 198 22.18 15.67 -10.80
C GLY B 198 20.69 15.53 -10.54
N ALA B 199 20.33 14.58 -9.69
CA ALA B 199 18.94 14.32 -9.35
C ALA B 199 18.26 15.56 -8.73
N MET B 200 18.99 16.28 -7.88
CA MET B 200 18.42 17.48 -7.27
C MET B 200 18.06 18.47 -8.36
N VAL B 201 19.00 18.71 -9.27
CA VAL B 201 18.78 19.64 -10.37
C VAL B 201 17.63 19.22 -11.27
N ALA B 202 17.53 17.93 -11.55
CA ALA B 202 16.47 17.41 -12.40
C ALA B 202 15.10 17.75 -11.81
N GLY B 203 14.96 17.53 -10.51
CA GLY B 203 13.70 17.82 -9.85
C GLY B 203 13.39 19.31 -9.83
N ALA B 204 14.43 20.11 -9.61
CA ALA B 204 14.27 21.55 -9.55
C ALA B 204 13.87 22.12 -10.92
N PHE B 205 14.53 21.64 -11.98
CA PHE B 205 14.27 22.13 -13.33
C PHE B 205 13.11 21.50 -14.11
N GLU B 206 12.77 20.26 -13.79
CA GLU B 206 11.68 19.56 -14.49
C GLU B 206 10.46 19.40 -13.59
N LYS B 207 9.49 20.28 -13.77
CA LYS B 207 8.26 20.30 -12.98
C LYS B 207 7.39 19.04 -12.98
N ARG B 208 7.52 18.21 -13.99
CA ARG B 208 6.72 16.99 -14.04
C ARG B 208 7.19 15.91 -13.07
N ILE B 209 8.30 16.14 -12.38
CA ILE B 209 8.80 15.17 -11.42
C ILE B 209 8.07 15.34 -10.09
N VAL B 210 7.36 14.30 -9.66
CA VAL B 210 6.61 14.37 -8.42
C VAL B 210 7.41 14.08 -7.15
N LEU B 211 8.51 13.35 -7.29
CA LEU B 211 9.33 13.03 -6.13
C LEU B 211 10.81 13.03 -6.51
N THR B 212 11.59 13.87 -5.83
CA THR B 212 13.02 13.97 -6.09
C THR B 212 13.76 13.32 -4.93
N LEU B 213 14.67 12.40 -5.25
CA LEU B 213 15.41 11.67 -4.22
C LEU B 213 16.92 11.75 -4.36
N PRO B 214 17.52 12.89 -3.96
CA PRO B 214 18.98 13.06 -4.03
C PRO B 214 19.63 12.33 -2.86
N GLN B 215 20.47 11.35 -3.19
CA GLN B 215 21.13 10.50 -2.20
C GLN B 215 22.61 10.84 -2.05
N GLU B 216 23.01 11.19 -0.83
CA GLU B 216 24.40 11.53 -0.53
C GLU B 216 24.99 12.43 -1.62
N SER B 217 24.27 13.51 -1.93
CA SER B 217 24.67 14.45 -2.97
C SER B 217 25.74 15.45 -2.55
N GLY B 218 25.90 15.64 -1.25
CA GLY B 218 26.91 16.56 -0.75
C GLY B 218 27.06 17.91 -1.45
N ALA B 219 28.31 18.32 -1.65
CA ALA B 219 28.59 19.58 -2.32
C ALA B 219 28.00 19.54 -3.72
N GLY B 220 27.26 20.58 -4.08
CA GLY B 220 26.64 20.64 -5.39
C GLY B 220 25.22 20.09 -5.34
N GLY B 221 24.91 19.43 -4.23
CA GLY B 221 23.59 18.85 -4.03
C GLY B 221 22.86 19.49 -2.85
N SER B 222 22.72 18.74 -1.76
CA SER B 222 22.01 19.25 -0.58
C SER B 222 22.82 20.21 0.28
N ALA B 223 24.13 20.27 0.08
CA ALA B 223 24.96 21.18 0.87
C ALA B 223 24.81 22.63 0.40
N CYS B 224 24.99 23.57 1.31
CA CYS B 224 24.97 24.99 0.94
C CYS B 224 26.42 25.43 0.84
N TRP B 225 26.76 26.12 -0.25
CA TRP B 225 28.13 26.59 -0.46
C TRP B 225 28.62 27.35 0.76
N ARG B 226 27.81 28.30 1.22
CA ARG B 226 28.16 29.13 2.37
C ARG B 226 28.54 28.35 3.62
N ILE B 227 27.72 27.37 3.98
CA ILE B 227 28.01 26.59 5.19
C ILE B 227 29.21 25.68 4.99
N SER B 228 29.41 25.18 3.78
CA SER B 228 30.55 24.31 3.52
C SER B 228 31.83 25.14 3.55
N ASP B 229 31.77 26.36 3.05
CA ASP B 229 32.94 27.24 3.07
C ASP B 229 33.29 27.49 4.54
N TYR B 230 32.27 27.73 5.35
CA TYR B 230 32.49 27.99 6.77
C TYR B 230 33.14 26.77 7.44
N LEU B 231 32.57 25.60 7.21
CA LEU B 231 33.10 24.38 7.80
C LEU B 231 34.54 24.15 7.36
N LYS B 232 34.84 24.43 6.11
CA LYS B 232 36.19 24.25 5.59
C LYS B 232 37.15 25.17 6.35
N SER B 233 36.73 26.39 6.61
CA SER B 233 37.57 27.36 7.32
C SER B 233 37.81 26.92 8.76
N GLN B 234 36.91 26.09 9.28
CA GLN B 234 37.02 25.59 10.65
C GLN B 234 37.87 24.34 10.73
N GLY B 235 38.35 23.87 9.58
CA GLY B 235 39.19 22.69 9.56
C GLY B 235 38.56 21.39 9.08
N ALA B 236 37.31 21.44 8.66
CA ALA B 236 36.64 20.23 8.20
C ALA B 236 37.18 19.76 6.85
N ASN B 237 37.27 18.45 6.68
CA ASN B 237 37.73 17.85 5.44
C ASN B 237 36.44 17.69 4.64
N ILE B 238 35.92 18.82 4.17
CA ILE B 238 34.66 18.88 3.44
C ILE B 238 34.82 19.40 2.02
N GLN B 239 33.96 18.94 1.11
CA GLN B 239 34.02 19.39 -0.27
C GLN B 239 33.38 20.76 -0.38
N THR B 240 34.06 21.66 -1.08
CA THR B 240 33.59 23.04 -1.25
C THR B 240 33.50 23.41 -2.72
N ALA B 241 32.86 24.54 -2.99
CA ALA B 241 32.68 25.04 -4.34
C ALA B 241 33.99 25.14 -5.14
N SER B 242 35.03 25.72 -4.55
CA SER B 242 36.30 25.89 -5.26
C SER B 242 37.02 24.59 -5.61
N GLU B 243 36.74 23.52 -4.89
CA GLU B 243 37.38 22.24 -5.17
C GLU B 243 36.62 21.41 -6.19
N ILE B 244 35.30 21.40 -6.07
CA ILE B 244 34.50 20.59 -6.97
C ILE B 244 34.61 20.96 -8.45
N ILE B 245 34.73 22.25 -8.75
CA ILE B 245 34.84 22.67 -10.14
C ILE B 245 36.10 22.15 -10.82
N GLY B 246 37.06 21.71 -10.02
CA GLY B 246 38.29 21.19 -10.58
C GLY B 246 38.20 19.72 -10.94
N GLU B 247 37.09 19.07 -10.59
CA GLU B 247 36.93 17.65 -10.86
C GLU B 247 36.27 17.30 -12.19
N ASP B 248 35.16 17.97 -12.50
CA ASP B 248 34.41 17.71 -13.72
C ASP B 248 33.62 18.95 -14.10
N PRO B 249 33.12 18.99 -15.34
CA PRO B 249 32.34 20.13 -15.84
C PRO B 249 30.87 20.11 -15.43
N TRP B 250 30.61 19.76 -14.16
CA TRP B 250 29.23 19.71 -13.67
C TRP B 250 28.56 21.09 -13.64
N PHE B 251 29.36 22.12 -13.36
CA PHE B 251 28.85 23.48 -13.28
C PHE B 251 29.25 24.26 -14.53
N SER B 252 28.60 25.40 -14.77
CA SER B 252 28.96 26.20 -15.95
C SER B 252 30.34 26.80 -15.69
N THR B 253 31.05 27.14 -16.77
CA THR B 253 32.38 27.72 -16.60
C THR B 253 32.30 29.06 -15.85
N THR B 254 31.15 29.71 -15.95
CA THR B 254 30.92 30.99 -15.28
C THR B 254 30.99 30.86 -13.77
N PHE B 255 30.58 29.71 -13.25
CA PHE B 255 30.57 29.48 -11.82
C PHE B 255 31.97 29.59 -11.21
N ASN B 256 32.98 29.21 -11.99
CA ASN B 256 34.37 29.24 -11.53
C ASN B 256 34.82 30.61 -11.03
N SER B 257 34.24 31.67 -11.55
CA SER B 257 34.63 33.02 -11.15
C SER B 257 34.02 33.44 -9.81
N TYR B 258 33.13 32.61 -9.27
CA TYR B 258 32.46 32.91 -8.00
C TYR B 258 32.80 32.00 -6.82
N VAL B 259 33.44 30.86 -7.08
CA VAL B 259 33.74 29.92 -6.00
C VAL B 259 34.45 30.48 -4.77
N ASN B 260 35.16 31.61 -4.92
CA ASN B 260 35.85 32.19 -3.77
C ASN B 260 35.14 33.43 -3.22
N GLN B 261 33.95 33.70 -3.74
CA GLN B 261 33.15 34.84 -3.30
C GLN B 261 31.68 34.43 -3.28
N VAL B 262 31.44 33.22 -2.79
CA VAL B 262 30.09 32.67 -2.69
C VAL B 262 29.04 33.64 -2.14
N PRO B 263 29.39 34.42 -1.09
CA PRO B 263 28.41 35.36 -0.53
C PRO B 263 27.78 36.32 -1.55
N VAL B 264 28.49 36.65 -2.62
CA VAL B 264 27.90 37.56 -3.60
C VAL B 264 26.79 36.89 -4.39
N LEU B 265 26.77 35.56 -4.42
CA LEU B 265 25.73 34.84 -5.15
C LEU B 265 24.37 35.15 -4.53
N PRO B 266 23.38 35.55 -5.35
CA PRO B 266 22.02 35.88 -4.91
C PRO B 266 21.18 34.65 -4.56
N PHE B 267 21.87 33.58 -4.17
CA PHE B 267 21.20 32.34 -3.83
C PHE B 267 22.22 31.36 -3.27
N ASP B 268 21.73 30.19 -2.87
CA ASP B 268 22.61 29.13 -2.43
C ASP B 268 21.82 27.88 -2.77
N HIS B 269 22.21 26.71 -2.25
CA HIS B 269 21.46 25.54 -2.64
C HIS B 269 20.13 25.31 -1.95
N HIS B 270 19.79 26.17 -0.99
CA HIS B 270 18.49 26.06 -0.34
C HIS B 270 17.51 26.64 -1.36
N SER B 271 18.03 27.56 -2.17
CA SER B 271 17.25 28.20 -3.22
C SER B 271 16.97 27.18 -4.32
N LEU B 272 17.98 26.36 -4.62
CA LEU B 272 17.87 25.33 -5.64
C LEU B 272 16.86 24.28 -5.23
N ALA B 273 16.97 23.79 -4.00
CA ALA B 273 16.05 22.78 -3.51
C ALA B 273 14.64 23.37 -3.49
N ALA B 274 14.54 24.64 -3.09
CA ALA B 274 13.25 25.32 -3.00
C ALA B 274 12.51 25.36 -4.33
N LEU B 275 13.22 25.20 -5.44
CA LEU B 275 12.57 25.20 -6.75
C LEU B 275 11.66 24.01 -6.90
N ILE B 276 11.90 22.97 -6.10
CA ILE B 276 11.10 21.75 -6.16
C ILE B 276 9.73 21.92 -5.49
N ALA B 277 9.64 22.82 -4.53
CA ALA B 277 8.38 23.04 -3.82
C ALA B 277 7.24 23.37 -4.80
N PRO B 278 6.02 22.90 -4.52
CA PRO B 278 5.57 22.12 -3.37
C PRO B 278 5.70 20.61 -3.60
N ARG B 279 6.34 20.22 -4.69
CA ARG B 279 6.50 18.80 -5.03
C ARG B 279 7.34 18.02 -4.02
N GLY B 280 7.26 16.70 -4.10
CA GLY B 280 8.00 15.85 -3.17
C GLY B 280 9.51 15.89 -3.25
N LEU B 281 10.15 15.98 -2.09
CA LEU B 281 11.60 15.98 -2.00
C LEU B 281 12.02 15.30 -0.70
N PHE B 282 12.79 14.21 -0.83
CA PHE B 282 13.26 13.48 0.33
C PHE B 282 14.77 13.35 0.18
N VAL B 283 15.50 14.11 0.99
CA VAL B 283 16.95 14.11 0.95
C VAL B 283 17.50 12.98 1.83
N ILE B 284 18.21 12.07 1.20
CA ILE B 284 18.77 10.90 1.87
C ILE B 284 20.28 11.10 2.05
N ASP B 285 20.67 11.57 3.22
CA ASP B 285 22.08 11.83 3.47
C ASP B 285 22.80 10.83 4.35
N ASN B 286 24.08 11.08 4.59
CA ASN B 286 24.89 10.15 5.34
C ASN B 286 26.04 10.90 6.01
N ASN B 287 26.54 10.38 7.13
CA ASN B 287 27.62 11.06 7.81
C ASN B 287 29.01 10.68 7.29
N ILE B 288 29.45 11.43 6.29
CA ILE B 288 30.76 11.25 5.70
C ILE B 288 31.32 12.67 5.56
N ASP B 289 32.47 12.91 6.18
CA ASP B 289 33.11 14.22 6.16
C ASP B 289 32.99 14.98 4.84
N TRP B 290 33.49 14.38 3.77
CA TRP B 290 33.49 15.00 2.44
C TRP B 290 32.14 15.56 1.99
N LEU B 291 31.07 14.85 2.31
CA LEU B 291 29.72 15.28 1.93
C LEU B 291 29.29 16.55 2.66
N GLY B 292 29.83 16.76 3.85
CA GLY B 292 29.45 17.94 4.63
C GLY B 292 28.03 17.79 5.15
N PRO B 293 27.75 16.73 5.92
CA PRO B 293 26.42 16.48 6.47
C PRO B 293 25.81 17.63 7.28
N GLN B 294 26.65 18.38 8.00
CA GLN B 294 26.10 19.48 8.78
C GLN B 294 25.69 20.62 7.85
N SER B 295 26.43 20.81 6.76
CA SER B 295 26.11 21.86 5.80
C SER B 295 24.81 21.48 5.11
N CYS B 296 24.70 20.20 4.75
CA CYS B 296 23.51 19.70 4.07
C CYS B 296 22.26 19.90 4.94
N PHE B 297 22.37 19.58 6.22
CA PHE B 297 21.21 19.73 7.10
C PHE B 297 20.82 21.20 7.31
N GLY B 298 21.82 22.07 7.51
CA GLY B 298 21.52 23.47 7.70
C GLY B 298 20.89 24.07 6.47
N CYS B 299 21.35 23.61 5.31
CA CYS B 299 20.87 24.06 4.01
C CYS B 299 19.44 23.61 3.75
N MET B 300 19.20 22.32 3.95
CA MET B 300 17.87 21.77 3.73
C MET B 300 16.87 22.27 4.78
N THR B 301 17.36 22.58 5.98
CA THR B 301 16.47 23.11 7.00
C THR B 301 15.89 24.42 6.47
N ALA B 302 16.73 25.22 5.81
CA ALA B 302 16.29 26.49 5.25
C ALA B 302 15.39 26.23 4.05
N ALA B 303 15.79 25.29 3.20
CA ALA B 303 15.01 24.95 2.02
C ALA B 303 13.59 24.52 2.41
N HIS B 304 13.48 23.76 3.50
CA HIS B 304 12.21 23.26 3.98
C HIS B 304 11.20 24.37 4.19
N MET B 305 11.69 25.55 4.55
CA MET B 305 10.81 26.69 4.80
C MET B 305 9.93 27.03 3.59
N ALA B 306 10.40 26.70 2.38
CA ALA B 306 9.59 26.97 1.18
C ALA B 306 8.30 26.14 1.24
N TRP B 307 8.42 24.89 1.66
CA TRP B 307 7.26 24.01 1.75
C TRP B 307 6.36 24.43 2.89
N GLN B 308 6.95 24.85 4.00
CA GLN B 308 6.18 25.30 5.15
C GLN B 308 5.34 26.52 4.74
N ALA B 309 5.96 27.41 3.98
CA ALA B 309 5.31 28.62 3.51
C ALA B 309 4.10 28.33 2.63
N LEU B 310 4.16 27.24 1.87
CA LEU B 310 3.07 26.86 0.98
C LEU B 310 2.08 25.95 1.69
N GLY B 311 2.29 25.77 2.99
CA GLY B 311 1.40 24.93 3.78
C GLY B 311 1.50 23.44 3.50
N VAL B 312 2.64 23.00 2.97
CA VAL B 312 2.83 21.59 2.68
C VAL B 312 4.17 21.10 3.24
N SER B 313 4.39 21.39 4.52
CA SER B 313 5.62 21.04 5.20
C SER B 313 6.05 19.59 5.04
N ASP B 314 5.11 18.65 5.08
CA ASP B 314 5.48 17.24 4.96
C ASP B 314 5.76 16.73 3.54
N HIS B 315 5.81 17.61 2.55
CA HIS B 315 6.11 17.17 1.18
C HIS B 315 7.61 17.13 0.97
N MET B 316 8.35 17.64 1.94
CA MET B 316 9.79 17.65 1.84
C MET B 316 10.39 17.11 3.13
N GLY B 317 11.24 16.09 3.00
CA GLY B 317 11.86 15.50 4.17
C GLY B 317 13.37 15.43 4.09
N TYR B 318 13.99 15.13 5.21
CA TYR B 318 15.44 15.03 5.28
C TYR B 318 15.81 13.93 6.28
N SER B 319 16.75 13.08 5.90
CA SER B 319 17.17 12.03 6.80
C SER B 319 18.65 11.67 6.72
N GLN B 320 19.30 11.68 7.88
CA GLN B 320 20.71 11.31 8.00
C GLN B 320 20.79 10.67 9.37
N ILE B 321 21.08 9.37 9.40
CA ILE B 321 21.15 8.63 10.65
C ILE B 321 22.46 7.85 10.74
N GLY B 322 23.41 8.39 11.48
CA GLY B 322 24.70 7.74 11.63
C GLY B 322 25.51 7.75 10.35
N ALA B 323 26.48 6.84 10.29
CA ALA B 323 27.35 6.74 9.13
C ALA B 323 27.34 5.32 8.59
N HIS B 324 27.42 5.19 7.26
CA HIS B 324 27.45 3.90 6.61
C HIS B 324 28.19 4.03 5.30
N ALA B 325 28.39 2.91 4.61
CA ALA B 325 29.11 2.93 3.33
C ALA B 325 28.44 3.86 2.33
N HIS B 326 29.26 4.56 1.56
CA HIS B 326 28.78 5.50 0.56
C HIS B 326 27.88 4.83 -0.49
N CYS B 327 26.65 5.34 -0.59
CA CYS B 327 25.62 4.86 -1.52
C CYS B 327 25.01 3.50 -1.23
N ALA B 328 25.28 2.97 -0.04
CA ALA B 328 24.72 1.69 0.38
C ALA B 328 23.48 2.07 1.20
N PHE B 329 22.30 1.98 0.59
CA PHE B 329 21.09 2.37 1.29
C PHE B 329 20.90 1.61 2.60
N PRO B 330 20.75 2.34 3.72
CA PRO B 330 20.57 1.72 5.05
C PRO B 330 19.13 1.36 5.39
N SER B 331 18.97 0.24 6.09
CA SER B 331 17.64 -0.21 6.47
C SER B 331 16.95 0.75 7.44
N ASN B 332 17.71 1.53 8.20
CA ASN B 332 17.08 2.46 9.14
C ASN B 332 16.44 3.67 8.45
N GLN B 333 16.47 3.69 7.12
CA GLN B 333 15.85 4.78 6.36
C GLN B 333 14.80 4.23 5.40
N GLN B 334 14.68 2.91 5.35
CA GLN B 334 13.73 2.25 4.44
C GLN B 334 12.28 2.66 4.64
N SER B 335 11.79 2.64 5.88
CA SER B 335 10.41 3.01 6.13
C SER B 335 10.14 4.45 5.69
N GLN B 336 11.15 5.32 5.84
CA GLN B 336 11.01 6.72 5.45
C GLN B 336 10.90 6.80 3.92
N LEU B 337 11.79 6.11 3.22
CA LEU B 337 11.75 6.11 1.75
C LEU B 337 10.39 5.62 1.29
N THR B 338 9.95 4.50 1.87
CA THR B 338 8.66 3.93 1.51
C THR B 338 7.53 4.93 1.74
N ALA B 339 7.59 5.67 2.84
CA ALA B 339 6.57 6.67 3.12
C ALA B 339 6.46 7.68 1.99
N PHE B 340 7.60 8.17 1.52
CA PHE B 340 7.60 9.14 0.44
C PHE B 340 7.19 8.53 -0.89
N VAL B 341 7.63 7.31 -1.16
CA VAL B 341 7.27 6.65 -2.40
C VAL B 341 5.75 6.39 -2.46
N GLN B 342 5.20 5.75 -1.43
CA GLN B 342 3.78 5.46 -1.42
C GLN B 342 2.94 6.73 -1.54
N LYS B 343 3.39 7.81 -0.92
CA LYS B 343 2.67 9.07 -0.96
C LYS B 343 2.72 9.73 -2.33
N PHE B 344 3.91 9.97 -2.86
CA PHE B 344 4.02 10.66 -4.14
C PHE B 344 3.92 9.83 -5.41
N LEU B 345 4.35 8.57 -5.36
CA LEU B 345 4.27 7.73 -6.56
C LEU B 345 3.03 6.83 -6.57
N LEU B 346 2.53 6.46 -5.40
CA LEU B 346 1.34 5.61 -5.33
C LEU B 346 0.09 6.36 -4.88
N GLY B 347 0.23 7.63 -4.53
CA GLY B 347 -0.92 8.42 -4.10
C GLY B 347 -1.60 7.90 -2.84
N GLN B 348 -0.85 7.20 -2.01
CA GLN B 348 -1.39 6.65 -0.77
C GLN B 348 -1.06 7.58 0.39
N SER B 349 -2.02 7.72 1.32
CA SER B 349 -1.83 8.58 2.47
C SER B 349 -0.85 7.94 3.45
N THR B 350 0.27 8.60 3.68
CA THR B 350 1.28 8.07 4.60
C THR B 350 1.84 9.21 5.43
N ASN B 351 2.68 8.86 6.41
CA ASN B 351 3.29 9.87 7.27
C ASN B 351 4.65 10.26 6.70
N THR B 352 4.74 11.44 6.12
CA THR B 352 6.01 11.90 5.55
C THR B 352 6.65 13.04 6.36
N ALA B 353 6.21 13.24 7.60
CA ALA B 353 6.81 14.29 8.42
C ALA B 353 8.12 13.65 8.88
N ILE B 354 9.13 13.76 8.04
CA ILE B 354 10.45 13.17 8.29
C ILE B 354 11.53 14.23 8.22
N PHE B 355 12.26 14.41 9.31
CA PHE B 355 13.31 15.41 9.34
C PHE B 355 14.25 15.12 10.50
N GLN B 356 15.39 14.52 10.21
CA GLN B 356 16.34 14.21 11.27
C GLN B 356 17.79 14.18 10.81
N SER B 357 18.67 14.58 11.73
CA SER B 357 20.11 14.61 11.46
C SER B 357 20.83 14.57 12.79
N ASP B 358 22.08 14.15 12.77
CA ASP B 358 22.89 14.11 13.98
C ASP B 358 23.57 15.45 14.18
N PHE B 359 23.42 16.35 13.21
CA PHE B 359 24.07 17.67 13.27
C PHE B 359 23.12 18.83 13.51
N SER B 360 23.66 19.93 14.05
CA SER B 360 22.87 21.13 14.30
C SER B 360 22.72 21.95 13.03
N ALA B 361 21.51 22.46 12.80
CA ALA B 361 21.25 23.27 11.61
C ALA B 361 21.88 24.65 11.78
N ASN B 362 22.08 25.07 13.03
CA ASN B 362 22.67 26.38 13.31
C ASN B 362 21.86 27.48 12.62
N GLN B 363 20.54 27.46 12.81
CA GLN B 363 19.68 28.46 12.18
C GLN B 363 20.07 29.88 12.55
N SER B 364 20.42 30.08 13.81
CA SER B 364 20.80 31.41 14.28
C SER B 364 21.93 32.00 13.45
N GLN B 365 22.85 31.15 13.03
CA GLN B 365 24.01 31.59 12.26
C GLN B 365 23.76 31.73 10.76
N TRP B 366 22.84 30.94 10.23
CA TRP B 366 22.59 30.96 8.80
C TRP B 366 21.27 31.50 8.28
N ILE B 367 20.28 31.61 9.13
CA ILE B 367 18.98 32.10 8.68
C ILE B 367 18.53 33.33 9.46
N ASP B 368 18.44 34.46 8.76
CA ASP B 368 18.00 35.70 9.39
C ASP B 368 16.75 36.25 8.73
N TRP B 369 15.84 35.34 8.37
CA TRP B 369 14.58 35.71 7.75
C TRP B 369 13.47 34.77 8.22
N THR B 370 12.24 35.27 8.21
CA THR B 370 11.13 34.46 8.67
C THR B 370 10.36 33.81 7.53
N THR B 371 9.48 32.88 7.89
CA THR B 371 8.67 32.16 6.92
C THR B 371 7.25 32.68 6.97
N PRO B 372 6.76 33.22 5.84
CA PRO B 372 5.40 33.74 5.79
C PRO B 372 4.43 32.63 5.45
N THR B 373 3.15 32.90 5.66
CA THR B 373 2.12 31.94 5.31
C THR B 373 1.60 32.52 4.00
N LEU B 374 2.01 31.91 2.89
CA LEU B 374 1.63 32.38 1.57
C LEU B 374 0.14 32.20 1.29
N SER B 375 -0.48 33.22 0.74
CA SER B 375 -1.91 33.18 0.44
C SER B 375 -2.18 32.93 -1.04
N LEU C 14 19.49 -21.51 -2.84
CA LEU C 14 20.45 -22.42 -2.16
C LEU C 14 21.19 -23.28 -3.19
N PRO C 15 22.52 -23.12 -3.27
CA PRO C 15 23.38 -23.85 -4.21
C PRO C 15 23.27 -25.36 -4.07
N GLY C 16 23.36 -26.07 -5.20
CA GLY C 16 23.27 -27.50 -5.18
C GLY C 16 24.40 -28.12 -4.36
N SER C 17 25.52 -27.41 -4.28
CA SER C 17 26.66 -27.91 -3.52
C SER C 17 27.06 -26.92 -2.44
N ILE C 18 27.03 -27.37 -1.18
CA ILE C 18 27.39 -26.52 -0.06
C ILE C 18 28.24 -27.30 0.94
N THR C 19 28.94 -26.56 1.80
CA THR C 19 29.80 -27.18 2.80
C THR C 19 29.20 -27.01 4.18
N LEU C 20 28.83 -28.13 4.81
CA LEU C 20 28.23 -28.07 6.13
C LEU C 20 29.26 -27.75 7.20
N ARG C 21 28.83 -26.98 8.20
CA ARG C 21 29.71 -26.61 9.30
C ARG C 21 29.06 -27.08 10.59
N SER C 22 29.85 -27.67 11.47
CA SER C 22 29.36 -28.17 12.74
C SER C 22 28.82 -27.06 13.64
N ASN C 23 27.79 -27.39 14.40
CA ASN C 23 27.17 -26.45 15.33
C ASN C 23 26.62 -27.30 16.47
N ALA C 24 27.28 -27.25 17.62
CA ALA C 24 26.89 -28.05 18.78
C ALA C 24 25.50 -27.78 19.36
N LYS C 25 25.10 -26.51 19.45
CA LYS C 25 23.79 -26.18 20.01
C LYS C 25 22.75 -26.16 18.91
N LEU C 26 21.49 -25.97 19.28
CA LEU C 26 20.41 -25.91 18.30
C LEU C 26 20.71 -24.77 17.34
N ASN C 27 20.57 -25.03 16.04
CA ASN C 27 20.85 -24.03 15.02
C ASN C 27 19.99 -22.78 15.15
N ASP C 28 20.62 -21.62 14.97
CA ASP C 28 19.94 -20.34 15.05
C ASP C 28 18.91 -20.27 13.92
N LEU C 29 17.63 -20.30 14.27
CA LEU C 29 16.57 -20.25 13.27
C LEU C 29 16.53 -18.91 12.54
N PHE C 30 17.14 -17.90 13.15
CA PHE C 30 17.09 -16.56 12.57
C PHE C 30 18.34 -16.08 11.84
N THR C 31 19.06 -17.03 11.25
CA THR C 31 20.25 -16.72 10.48
C THR C 31 20.25 -17.71 9.32
N MET C 32 20.31 -17.19 8.09
CA MET C 32 20.32 -18.02 6.91
C MET C 32 21.56 -18.89 6.88
N PHE C 33 21.55 -19.91 6.03
CA PHE C 33 22.68 -20.82 5.92
C PHE C 33 23.98 -20.08 5.62
N ASN C 34 23.92 -19.05 4.76
CA ASN C 34 25.12 -18.32 4.40
C ASN C 34 25.55 -17.21 5.36
N GLY C 35 24.76 -16.96 6.39
CA GLY C 35 25.12 -15.93 7.35
C GLY C 35 24.24 -14.69 7.38
N ASP C 36 23.31 -14.57 6.43
CA ASP C 36 22.44 -13.40 6.42
C ASP C 36 21.54 -13.46 7.64
N LYS C 37 21.32 -12.31 8.27
CA LYS C 37 20.46 -12.26 9.45
C LYS C 37 19.01 -12.13 8.99
N VAL C 38 18.09 -12.70 9.77
CA VAL C 38 16.66 -12.65 9.46
C VAL C 38 16.01 -11.65 10.41
N THR C 39 15.51 -10.54 9.86
CA THR C 39 14.89 -9.51 10.69
C THR C 39 13.48 -9.14 10.26
N THR C 40 13.02 -9.72 9.16
CA THR C 40 11.68 -9.41 8.67
C THR C 40 10.89 -10.70 8.47
N LYS C 41 9.57 -10.57 8.46
CA LYS C 41 8.70 -11.73 8.25
C LYS C 41 8.94 -12.28 6.85
N ASP C 42 9.23 -11.39 5.91
CA ASP C 42 9.48 -11.80 4.53
C ASP C 42 10.76 -12.64 4.46
N LYS C 43 11.82 -12.19 5.13
CA LYS C 43 13.08 -12.92 5.13
C LYS C 43 12.94 -14.25 5.86
N PHE C 44 12.15 -14.27 6.94
CA PHE C 44 11.95 -15.50 7.70
C PHE C 44 11.22 -16.51 6.83
N SER C 45 10.37 -16.01 5.94
CA SER C 45 9.62 -16.89 5.05
C SER C 45 10.62 -17.59 4.14
N CYS C 46 11.66 -16.86 3.74
CA CYS C 46 12.70 -17.44 2.90
C CYS C 46 13.49 -18.45 3.73
N ARG C 47 13.70 -18.13 5.01
CA ARG C 47 14.44 -18.99 5.92
C ARG C 47 13.73 -20.34 6.05
N GLN C 48 12.39 -20.32 6.09
CA GLN C 48 11.62 -21.55 6.20
C GLN C 48 11.80 -22.37 4.92
N ALA C 49 11.76 -21.70 3.78
CA ALA C 49 11.94 -22.36 2.50
C ALA C 49 13.30 -23.04 2.50
N GLU C 50 14.30 -22.32 2.98
CA GLU C 50 15.66 -22.84 3.04
C GLU C 50 15.76 -24.05 3.99
N MET C 51 15.22 -23.92 5.19
CA MET C 51 15.26 -24.99 6.18
C MET C 51 14.55 -26.25 5.68
N SER C 52 13.47 -26.06 4.91
CA SER C 52 12.74 -27.19 4.36
C SER C 52 13.63 -27.90 3.35
N GLU C 53 14.28 -27.12 2.48
CA GLU C 53 15.18 -27.67 1.48
C GLU C 53 16.32 -28.46 2.13
N LEU C 54 16.89 -27.89 3.19
CA LEU C 54 17.99 -28.54 3.90
C LEU C 54 17.53 -29.83 4.57
N ILE C 55 16.35 -29.78 5.18
CA ILE C 55 15.80 -30.95 5.84
C ILE C 55 15.55 -32.06 4.82
N GLN C 56 15.08 -31.68 3.64
CA GLN C 56 14.81 -32.62 2.57
C GLN C 56 16.09 -33.25 2.02
N ARG C 57 17.13 -32.43 1.85
CA ARG C 57 18.38 -32.94 1.30
C ARG C 57 19.13 -33.88 2.23
N TYR C 58 19.16 -33.55 3.51
CA TYR C 58 19.92 -34.34 4.46
C TYR C 58 19.16 -35.30 5.36
N GLU C 59 17.88 -35.06 5.59
CA GLU C 59 17.15 -35.95 6.49
C GLU C 59 15.93 -36.70 5.96
N LEU C 60 14.99 -35.99 5.37
CA LEU C 60 13.74 -36.62 4.91
C LEU C 60 13.61 -37.00 3.45
N GLY C 61 14.46 -36.45 2.59
CA GLY C 61 14.36 -36.79 1.18
C GLY C 61 13.50 -35.79 0.42
N THR C 62 13.61 -35.82 -0.90
CA THR C 62 12.89 -34.90 -1.77
C THR C 62 11.37 -35.06 -1.81
N LEU C 63 10.67 -33.97 -1.54
CA LEU C 63 9.20 -33.96 -1.56
C LEU C 63 8.69 -33.57 -2.94
N PRO C 64 8.10 -34.52 -3.68
CA PRO C 64 7.60 -34.18 -5.01
C PRO C 64 6.43 -33.20 -4.92
N GLY C 65 6.21 -32.46 -5.99
CA GLY C 65 5.10 -31.52 -6.01
C GLY C 65 3.87 -32.23 -6.53
N ARG C 66 2.80 -31.47 -6.77
CA ARG C 66 1.55 -32.03 -7.28
C ARG C 66 1.84 -32.76 -8.59
N PRO C 67 1.35 -34.00 -8.71
CA PRO C 67 1.58 -34.78 -9.94
C PRO C 67 0.86 -34.16 -11.13
N SER C 68 1.34 -34.45 -12.33
CA SER C 68 0.75 -33.92 -13.56
C SER C 68 -0.76 -34.12 -13.55
N THR C 69 -1.17 -35.39 -13.60
CA THR C 69 -2.59 -35.74 -13.61
C THR C 69 -3.08 -36.01 -12.18
N LEU C 70 -4.28 -35.55 -11.87
CA LEU C 70 -4.85 -35.78 -10.56
C LEU C 70 -6.37 -35.65 -10.61
N THR C 71 -7.04 -36.80 -10.55
CA THR C 71 -8.50 -36.86 -10.57
C THR C 71 -8.97 -37.39 -9.23
N ALA C 72 -10.22 -37.09 -8.88
CA ALA C 72 -10.78 -37.56 -7.61
C ALA C 72 -12.30 -37.67 -7.67
N SER C 73 -12.86 -38.59 -6.89
CA SER C 73 -14.30 -38.80 -6.83
C SER C 73 -14.72 -39.24 -5.44
N PHE C 74 -16.02 -39.31 -5.20
CA PHE C 74 -16.54 -39.70 -3.89
C PHE C 74 -17.80 -40.55 -4.01
N SER C 75 -17.99 -41.46 -3.05
CA SER C 75 -19.17 -42.33 -3.04
C SER C 75 -19.24 -43.04 -1.69
N GLY C 76 -20.45 -43.15 -1.14
CA GLY C 76 -20.59 -43.80 0.16
C GLY C 76 -19.89 -42.89 1.17
N ASN C 77 -18.75 -43.33 1.68
CA ASN C 77 -18.00 -42.51 2.61
C ASN C 77 -16.51 -42.66 2.27
N THR C 78 -16.27 -43.07 1.03
CA THR C 78 -14.92 -43.26 0.53
C THR C 78 -14.50 -42.28 -0.55
N LEU C 79 -13.39 -41.59 -0.30
CA LEU C 79 -12.84 -40.63 -1.24
C LEU C 79 -11.76 -41.34 -2.03
N THR C 80 -11.90 -41.35 -3.35
CA THR C 80 -10.91 -41.99 -4.21
C THR C 80 -10.05 -40.91 -4.86
N ILE C 81 -8.75 -41.06 -4.72
CA ILE C 81 -7.79 -40.11 -5.29
C ILE C 81 -6.99 -40.80 -6.39
N ASN C 82 -6.81 -40.10 -7.50
CA ASN C 82 -6.06 -40.63 -8.62
C ASN C 82 -4.91 -39.69 -8.98
N CYS C 83 -3.71 -40.25 -9.09
CA CYS C 83 -2.53 -39.45 -9.42
C CYS C 83 -1.79 -40.02 -10.62
N GLY C 84 -1.46 -39.14 -11.57
CA GLY C 84 -0.75 -39.58 -12.75
C GLY C 84 0.49 -38.73 -12.96
N GLU C 85 1.61 -39.36 -13.30
CA GLU C 85 2.84 -38.64 -13.51
C GLU C 85 3.79 -39.39 -14.43
N ALA C 86 4.35 -38.67 -15.40
CA ALA C 86 5.28 -39.24 -16.36
C ALA C 86 4.83 -40.59 -16.90
N GLY C 87 3.57 -40.67 -17.30
CA GLY C 87 3.04 -41.91 -17.84
C GLY C 87 2.93 -43.04 -16.85
N LYS C 88 2.60 -42.69 -15.61
CA LYS C 88 2.44 -43.67 -14.55
C LYS C 88 1.33 -43.18 -13.62
N SER C 89 0.55 -44.10 -13.06
CA SER C 89 -0.53 -43.70 -12.19
C SER C 89 -0.84 -44.65 -11.04
N ILE C 90 -1.32 -44.07 -9.95
CA ILE C 90 -1.68 -44.82 -8.75
C ILE C 90 -3.03 -44.27 -8.32
N SER C 91 -3.69 -44.98 -7.41
CA SER C 91 -4.97 -44.56 -6.90
C SER C 91 -5.15 -45.12 -5.50
N PHE C 92 -5.37 -44.25 -4.54
CA PHE C 92 -5.58 -44.70 -3.16
C PHE C 92 -6.89 -44.10 -2.66
N THR C 93 -7.30 -44.50 -1.45
CA THR C 93 -8.54 -44.00 -0.88
C THR C 93 -8.42 -43.67 0.59
N VAL C 94 -9.40 -42.93 1.08
CA VAL C 94 -9.47 -42.53 2.47
C VAL C 94 -10.95 -42.55 2.82
N THR C 95 -11.28 -42.90 4.06
CA THR C 95 -12.67 -42.93 4.47
C THR C 95 -12.93 -41.80 5.44
N ILE C 96 -14.11 -41.20 5.34
CA ILE C 96 -14.46 -40.09 6.21
C ILE C 96 -15.67 -40.38 7.07
N THR C 97 -15.61 -39.94 8.31
CA THR C 97 -16.71 -40.10 9.24
C THR C 97 -17.14 -38.66 9.52
N TYR C 98 -18.43 -38.39 9.38
CA TYR C 98 -18.97 -37.06 9.58
C TYR C 98 -19.58 -36.85 10.96
N PRO C 99 -19.35 -35.67 11.57
CA PRO C 99 -19.87 -35.34 12.89
C PRO C 99 -21.37 -35.03 12.85
N SER C 100 -22.05 -35.25 13.97
CA SER C 100 -23.49 -35.02 14.07
C SER C 100 -23.94 -33.57 13.99
N SER C 101 -23.07 -32.64 14.35
CA SER C 101 -23.42 -31.22 14.32
C SER C 101 -22.82 -30.49 13.12
N GLY C 102 -23.05 -29.19 13.04
CA GLY C 102 -22.53 -28.39 11.95
C GLY C 102 -23.11 -28.74 10.59
N THR C 103 -22.58 -28.12 9.53
CA THR C 103 -23.04 -28.36 8.16
C THR C 103 -21.90 -28.41 7.17
N ALA C 104 -22.16 -29.06 6.05
CA ALA C 104 -21.18 -29.19 4.97
C ALA C 104 -20.89 -27.81 4.36
N PRO C 105 -19.62 -27.54 4.04
CA PRO C 105 -18.51 -28.49 4.21
C PRO C 105 -18.03 -28.50 5.66
N TYR C 106 -17.66 -29.68 6.15
CA TYR C 106 -17.19 -29.84 7.52
C TYR C 106 -15.68 -29.71 7.65
N PRO C 107 -15.20 -29.20 8.81
CA PRO C 107 -13.77 -29.04 9.06
C PRO C 107 -13.30 -30.44 9.47
N ALA C 108 -12.18 -30.89 8.90
CA ALA C 108 -11.73 -32.25 9.22
C ALA C 108 -10.31 -32.41 9.72
N ILE C 109 -10.03 -33.61 10.24
CA ILE C 109 -8.70 -33.96 10.74
C ILE C 109 -8.26 -35.26 10.08
N ILE C 110 -7.21 -35.16 9.28
CA ILE C 110 -6.69 -36.34 8.61
C ILE C 110 -5.84 -37.10 9.64
N GLY C 111 -6.31 -38.28 10.02
CA GLY C 111 -5.59 -39.07 11.01
C GLY C 111 -4.86 -40.25 10.41
N TYR C 112 -3.53 -40.26 10.58
CA TYR C 112 -2.74 -41.36 10.06
C TYR C 112 -3.25 -42.64 10.70
N GLY C 113 -3.81 -43.52 9.88
CA GLY C 113 -4.35 -44.76 10.39
C GLY C 113 -5.53 -44.48 11.32
N GLY C 114 -6.03 -43.25 11.25
CA GLY C 114 -7.15 -42.87 12.10
C GLY C 114 -6.74 -42.00 13.27
N GLY C 115 -5.45 -42.03 13.60
CA GLY C 115 -4.97 -41.24 14.71
C GLY C 115 -5.29 -41.91 16.04
N SER C 116 -4.87 -41.29 17.14
CA SER C 116 -5.13 -41.83 18.47
C SER C 116 -5.72 -40.75 19.37
N LEU C 117 -6.45 -39.83 18.75
CA LEU C 117 -7.09 -38.75 19.48
C LEU C 117 -8.60 -38.90 19.42
N PRO C 118 -9.30 -38.55 20.52
CA PRO C 118 -10.75 -38.63 20.59
C PRO C 118 -11.36 -37.73 19.52
N ALA C 119 -12.38 -38.23 18.83
CA ALA C 119 -13.04 -37.44 17.80
C ALA C 119 -13.70 -36.23 18.44
N PRO C 120 -13.27 -35.02 18.05
CA PRO C 120 -13.85 -33.80 18.62
C PRO C 120 -15.20 -33.48 17.98
N ALA C 121 -16.04 -32.76 18.71
CA ALA C 121 -17.34 -32.39 18.20
C ALA C 121 -17.22 -31.48 16.98
N GLY C 122 -18.16 -31.63 16.04
CA GLY C 122 -18.17 -30.80 14.85
C GLY C 122 -17.10 -31.04 13.82
N VAL C 123 -16.12 -31.89 14.14
CA VAL C 123 -15.03 -32.17 13.21
C VAL C 123 -15.13 -33.55 12.58
N ALA C 124 -14.96 -33.61 11.26
CA ALA C 124 -15.01 -34.87 10.54
C ALA C 124 -13.65 -35.53 10.61
N MET C 125 -13.64 -36.86 10.60
CA MET C 125 -12.38 -37.59 10.67
C MET C 125 -12.12 -38.28 9.32
N ILE C 126 -10.87 -38.13 8.85
CA ILE C 126 -10.47 -38.73 7.60
C ILE C 126 -9.39 -39.76 7.91
N ASN C 127 -9.68 -41.02 7.61
CA ASN C 127 -8.76 -42.12 7.87
C ASN C 127 -7.76 -42.27 6.74
N PHE C 128 -6.56 -41.74 6.96
CA PHE C 128 -5.51 -41.82 5.95
C PHE C 128 -4.60 -43.03 6.22
N ASN C 129 -4.61 -43.99 5.30
CA ASN C 129 -3.78 -45.18 5.45
C ASN C 129 -2.39 -44.85 4.91
N ASN C 130 -1.58 -44.18 5.72
CA ASN C 130 -0.24 -43.80 5.30
C ASN C 130 0.61 -45.01 4.90
N ASP C 131 0.35 -46.14 5.54
CA ASP C 131 1.09 -47.37 5.25
C ASP C 131 1.01 -47.76 3.78
N ASN C 132 -0.12 -47.49 3.13
CA ASN C 132 -0.27 -47.85 1.72
C ASN C 132 0.50 -46.93 0.78
N ILE C 133 0.76 -45.69 1.23
CA ILE C 133 1.50 -44.73 0.42
C ILE C 133 2.99 -45.07 0.53
N ALA C 134 3.43 -45.38 1.74
CA ALA C 134 4.83 -45.76 1.99
C ALA C 134 4.83 -46.74 3.15
N ALA C 135 5.18 -47.99 2.87
CA ALA C 135 5.20 -49.04 3.91
C ALA C 135 6.22 -48.79 5.01
N GLN C 136 5.93 -49.32 6.19
CA GLN C 136 6.83 -49.18 7.33
C GLN C 136 6.79 -50.46 8.18
N VAL C 137 7.04 -51.59 7.52
CA VAL C 137 7.03 -52.88 8.21
C VAL C 137 8.42 -53.17 8.78
N ASN C 138 9.44 -52.99 7.95
CA ASN C 138 10.83 -53.23 8.35
C ASN C 138 11.73 -52.53 7.34
N THR C 139 13.05 -52.65 7.52
CA THR C 139 13.98 -52.00 6.61
C THR C 139 13.72 -52.41 5.17
N GLY C 140 13.17 -53.62 4.99
CA GLY C 140 12.88 -54.11 3.65
C GLY C 140 11.76 -53.34 2.99
N SER C 141 11.08 -52.49 3.76
CA SER C 141 9.99 -51.67 3.25
C SER C 141 10.49 -50.48 2.42
N ARG C 142 11.80 -50.22 2.48
CA ARG C 142 12.40 -49.12 1.74
C ARG C 142 11.96 -49.11 0.26
N GLY C 143 11.37 -48.01 -0.18
CA GLY C 143 10.95 -47.91 -1.56
C GLY C 143 9.68 -48.69 -1.91
N GLN C 144 8.96 -49.13 -0.88
CA GLN C 144 7.71 -49.88 -1.07
C GLN C 144 6.53 -48.99 -0.75
N GLY C 145 5.52 -48.98 -1.62
CA GLY C 145 4.34 -48.16 -1.41
C GLY C 145 3.85 -47.49 -2.68
N LYS C 146 2.61 -47.03 -2.67
CA LYS C 146 2.03 -46.37 -3.84
C LYS C 146 2.81 -45.13 -4.27
N PHE C 147 3.41 -44.43 -3.32
CA PHE C 147 4.20 -43.25 -3.63
C PHE C 147 5.35 -43.67 -4.55
N TYR C 148 5.98 -44.79 -4.21
CA TYR C 148 7.10 -45.29 -4.99
C TYR C 148 6.68 -45.93 -6.31
N ASP C 149 5.43 -46.41 -6.38
CA ASP C 149 4.96 -47.00 -7.63
C ASP C 149 4.85 -45.87 -8.64
N LEU C 150 4.62 -44.66 -8.13
CA LEU C 150 4.48 -43.48 -8.96
C LEU C 150 5.81 -42.80 -9.25
N TYR C 151 6.65 -42.62 -8.23
CA TYR C 151 7.93 -41.94 -8.41
C TYR C 151 9.18 -42.82 -8.55
N GLY C 152 8.99 -44.14 -8.42
CA GLY C 152 10.13 -45.04 -8.54
C GLY C 152 10.64 -45.47 -7.18
N SER C 153 10.97 -46.75 -7.04
CA SER C 153 11.45 -47.28 -5.77
C SER C 153 12.82 -46.74 -5.35
N SER C 154 13.46 -45.97 -6.22
CA SER C 154 14.77 -45.40 -5.88
C SER C 154 14.68 -43.92 -5.51
N HIS C 155 13.46 -43.39 -5.42
CA HIS C 155 13.27 -41.99 -5.07
C HIS C 155 13.94 -41.74 -3.72
N SER C 156 14.44 -40.53 -3.51
CA SER C 156 15.13 -40.22 -2.25
C SER C 156 14.20 -39.97 -1.07
N ALA C 157 12.92 -39.75 -1.36
CA ALA C 157 11.96 -39.49 -0.30
C ALA C 157 11.84 -40.67 0.67
N GLY C 158 11.88 -40.37 1.96
CA GLY C 158 11.71 -41.40 2.97
C GLY C 158 10.22 -41.60 3.11
N ALA C 159 9.80 -42.54 3.94
CA ALA C 159 8.38 -42.80 4.13
C ALA C 159 7.58 -41.61 4.63
N MET C 160 8.16 -40.81 5.53
CA MET C 160 7.45 -39.66 6.08
C MET C 160 7.24 -38.53 5.08
N THR C 161 8.18 -38.35 4.16
CA THR C 161 8.02 -37.32 3.14
C THR C 161 6.95 -37.82 2.17
N ALA C 162 6.96 -39.13 1.93
CA ALA C 162 5.99 -39.76 1.04
C ALA C 162 4.57 -39.62 1.62
N TRP C 163 4.45 -39.82 2.92
CA TRP C 163 3.15 -39.69 3.58
C TRP C 163 2.61 -38.27 3.44
N ALA C 164 3.46 -37.29 3.73
CA ALA C 164 3.05 -35.89 3.63
C ALA C 164 2.56 -35.59 2.22
N TRP C 165 3.23 -36.18 1.23
CA TRP C 165 2.84 -36.01 -0.17
C TRP C 165 1.42 -36.56 -0.35
N GLY C 166 1.19 -37.74 0.22
CA GLY C 166 -0.12 -38.36 0.13
C GLY C 166 -1.16 -37.46 0.78
N VAL C 167 -0.79 -36.83 1.89
CA VAL C 167 -1.68 -35.92 2.59
C VAL C 167 -2.06 -34.76 1.70
N SER C 168 -1.06 -34.13 1.08
CA SER C 168 -1.29 -33.00 0.20
C SER C 168 -2.24 -33.41 -0.91
N ARG C 169 -2.09 -34.64 -1.39
CA ARG C 169 -2.93 -35.18 -2.45
C ARG C 169 -4.38 -35.29 -1.98
N VAL C 170 -4.56 -35.71 -0.73
CA VAL C 170 -5.89 -35.85 -0.17
C VAL C 170 -6.60 -34.51 -0.21
N ILE C 171 -5.89 -33.45 0.18
CA ILE C 171 -6.47 -32.11 0.18
C ILE C 171 -6.77 -31.65 -1.25
N ASP C 172 -5.88 -31.96 -2.19
CA ASP C 172 -6.10 -31.60 -3.59
C ASP C 172 -7.42 -32.23 -4.03
N ALA C 173 -7.57 -33.51 -3.73
CA ALA C 173 -8.77 -34.26 -4.11
C ALA C 173 -10.03 -33.63 -3.51
N LEU C 174 -9.99 -33.33 -2.22
CA LEU C 174 -11.14 -32.73 -1.55
C LEU C 174 -11.56 -31.42 -2.21
N GLU C 175 -10.59 -30.63 -2.64
CA GLU C 175 -10.88 -29.36 -3.30
C GLU C 175 -11.69 -29.63 -4.56
N LEU C 176 -11.22 -30.58 -5.35
CA LEU C 176 -11.87 -30.95 -6.61
C LEU C 176 -13.15 -31.75 -6.42
N VAL C 177 -13.42 -32.17 -5.19
CA VAL C 177 -14.62 -32.97 -4.92
C VAL C 177 -15.40 -32.44 -3.72
N PRO C 178 -16.11 -31.31 -3.88
CA PRO C 178 -16.90 -30.68 -2.82
C PRO C 178 -17.97 -31.63 -2.27
N GLY C 179 -18.32 -32.64 -3.05
CA GLY C 179 -19.32 -33.60 -2.64
C GLY C 179 -18.87 -34.40 -1.44
N ALA C 180 -17.56 -34.42 -1.20
CA ALA C 180 -17.01 -35.15 -0.06
C ALA C 180 -17.46 -34.45 1.22
N ARG C 181 -17.99 -33.23 1.05
CA ARG C 181 -18.50 -32.42 2.16
C ARG C 181 -17.47 -32.02 3.21
N ILE C 182 -16.25 -31.72 2.77
CA ILE C 182 -15.19 -31.32 3.68
C ILE C 182 -14.72 -29.90 3.38
N ASP C 183 -14.47 -29.11 4.42
CA ASP C 183 -14.00 -27.75 4.24
C ASP C 183 -12.47 -27.75 4.17
N THR C 184 -11.94 -27.73 2.96
CA THR C 184 -10.51 -27.76 2.74
C THR C 184 -9.73 -26.59 3.33
N THR C 185 -10.43 -25.66 3.97
CA THR C 185 -9.76 -24.51 4.57
C THR C 185 -9.59 -24.71 6.07
N LYS C 186 -10.14 -25.79 6.58
CA LYS C 186 -10.06 -26.10 8.00
C LYS C 186 -9.71 -27.56 8.23
N ILE C 187 -8.55 -27.97 7.72
CA ILE C 187 -8.09 -29.35 7.85
C ILE C 187 -6.84 -29.47 8.70
N GLY C 188 -6.89 -30.35 9.70
CA GLY C 188 -5.75 -30.58 10.57
C GLY C 188 -5.21 -31.98 10.33
N VAL C 189 -4.14 -32.33 11.03
CA VAL C 189 -3.55 -33.67 10.87
C VAL C 189 -3.03 -34.21 12.19
N THR C 190 -3.17 -35.52 12.39
CA THR C 190 -2.71 -36.13 13.62
C THR C 190 -2.27 -37.59 13.42
N GLY C 191 -1.51 -38.08 14.38
CA GLY C 191 -1.02 -39.44 14.35
C GLY C 191 -0.27 -39.67 15.65
N CYS C 192 -0.11 -40.92 16.07
CA CYS C 192 0.61 -41.18 17.31
C CYS C 192 1.83 -42.05 17.10
N SER C 193 2.83 -41.86 17.96
CA SER C 193 4.07 -42.63 17.88
C SER C 193 4.71 -42.46 16.50
N ARG C 194 4.90 -43.56 15.77
CA ARG C 194 5.51 -43.49 14.44
C ARG C 194 4.66 -42.62 13.51
N ASN C 195 3.34 -42.66 13.69
CA ASN C 195 2.48 -41.83 12.85
C ASN C 195 2.48 -40.39 13.36
N GLY C 196 2.97 -40.21 14.58
CA GLY C 196 3.06 -38.86 15.15
C GLY C 196 4.23 -38.15 14.50
N LYS C 197 5.26 -38.93 14.17
CA LYS C 197 6.43 -38.39 13.51
C LYS C 197 5.97 -37.89 12.14
N GLY C 198 5.17 -38.72 11.47
CA GLY C 198 4.66 -38.34 10.16
C GLY C 198 3.76 -37.12 10.21
N ALA C 199 2.92 -37.04 11.25
CA ALA C 199 2.01 -35.90 11.39
C ALA C 199 2.80 -34.62 11.41
N MET C 200 3.86 -34.59 12.21
CA MET C 200 4.74 -33.44 12.34
C MET C 200 5.26 -33.04 10.97
N VAL C 201 5.74 -34.02 10.22
CA VAL C 201 6.27 -33.76 8.89
C VAL C 201 5.19 -33.23 7.95
N ALA C 202 4.00 -33.82 8.01
CA ALA C 202 2.90 -33.38 7.14
C ALA C 202 2.59 -31.90 7.39
N GLY C 203 2.37 -31.55 8.66
CA GLY C 203 2.07 -30.17 8.99
C GLY C 203 3.15 -29.18 8.56
N ALA C 204 4.40 -29.64 8.59
CA ALA C 204 5.53 -28.80 8.20
C ALA C 204 5.66 -28.62 6.69
N PHE C 205 5.34 -29.66 5.92
CA PHE C 205 5.46 -29.61 4.47
C PHE C 205 4.20 -29.15 3.72
N GLU C 206 3.05 -29.23 4.37
CA GLU C 206 1.79 -28.84 3.74
C GLU C 206 1.20 -27.63 4.45
N LYS C 207 1.46 -26.44 3.92
CA LYS C 207 0.98 -25.19 4.51
C LYS C 207 -0.54 -25.07 4.62
N ARG C 208 -1.28 -25.89 3.88
CA ARG C 208 -2.73 -25.85 3.93
C ARG C 208 -3.31 -26.40 5.24
N ILE C 209 -2.49 -27.14 5.97
CA ILE C 209 -2.91 -27.72 7.25
C ILE C 209 -2.94 -26.62 8.32
N VAL C 210 -4.13 -26.38 8.88
CA VAL C 210 -4.29 -25.33 9.89
C VAL C 210 -3.96 -25.74 11.31
N LEU C 211 -3.95 -27.03 11.58
CA LEU C 211 -3.63 -27.53 12.92
C LEU C 211 -2.92 -28.87 12.86
N THR C 212 -1.71 -28.91 13.39
CA THR C 212 -0.91 -30.13 13.39
C THR C 212 -0.87 -30.70 14.80
N LEU C 213 -1.19 -31.99 14.91
CA LEU C 213 -1.24 -32.64 16.22
C LEU C 213 -0.38 -33.89 16.35
N PRO C 214 0.94 -33.71 16.52
CA PRO C 214 1.86 -34.86 16.65
C PRO C 214 1.79 -35.39 18.09
N GLN C 215 1.36 -36.63 18.23
CA GLN C 215 1.18 -37.27 19.54
C GLN C 215 2.28 -38.28 19.87
N GLU C 216 2.99 -38.05 20.98
CA GLU C 216 4.08 -38.93 21.44
C GLU C 216 4.99 -39.35 20.28
N SER C 217 5.38 -38.38 19.47
CA SER C 217 6.21 -38.64 18.29
C SER C 217 7.67 -38.99 18.59
N GLY C 218 8.15 -38.58 19.77
CA GLY C 218 9.53 -38.88 20.16
C GLY C 218 10.60 -38.59 19.14
N ALA C 219 11.60 -39.47 19.06
CA ALA C 219 12.71 -39.32 18.13
C ALA C 219 12.18 -39.29 16.70
N GLY C 220 12.58 -38.28 15.94
CA GLY C 220 12.11 -38.15 14.57
C GLY C 220 10.85 -37.31 14.54
N GLY C 221 10.40 -36.89 15.73
CA GLY C 221 9.21 -36.07 15.83
C GLY C 221 9.48 -34.78 16.57
N SER C 222 8.99 -34.68 17.80
CA SER C 222 9.16 -33.48 18.61
C SER C 222 10.52 -33.38 19.31
N ALA C 223 11.28 -34.46 19.32
CA ALA C 223 12.59 -34.45 19.96
C ALA C 223 13.65 -33.88 19.02
N CYS C 224 14.69 -33.28 19.59
CA CYS C 224 15.80 -32.73 18.78
C CYS C 224 16.93 -33.74 18.85
N TRP C 225 17.48 -34.09 17.69
CA TRP C 225 18.58 -35.04 17.61
C TRP C 225 19.70 -34.68 18.59
N ARG C 226 20.07 -33.41 18.64
CA ARG C 226 21.14 -32.94 19.51
C ARG C 226 20.90 -33.16 21.00
N ILE C 227 19.71 -32.85 21.47
CA ILE C 227 19.41 -33.01 22.88
C ILE C 227 19.30 -34.49 23.22
N SER C 228 18.69 -35.27 22.32
CA SER C 228 18.55 -36.69 22.57
C SER C 228 19.94 -37.33 22.64
N ASP C 229 20.85 -36.90 21.77
CA ASP C 229 22.21 -37.42 21.78
C ASP C 229 22.89 -37.13 23.11
N TYR C 230 22.68 -35.92 23.62
CA TYR C 230 23.28 -35.52 24.89
C TYR C 230 22.77 -36.39 26.03
N LEU C 231 21.44 -36.51 26.13
CA LEU C 231 20.84 -37.32 27.18
C LEU C 231 21.34 -38.76 27.11
N LYS C 232 21.57 -39.25 25.90
CA LYS C 232 22.07 -40.61 25.71
C LYS C 232 23.43 -40.74 26.39
N SER C 233 24.31 -39.78 26.13
CA SER C 233 25.65 -39.79 26.70
C SER C 233 25.60 -39.69 28.23
N GLN C 234 24.54 -39.10 28.76
CA GLN C 234 24.42 -38.95 30.20
C GLN C 234 23.87 -40.20 30.88
N GLY C 235 23.42 -41.16 30.08
CA GLY C 235 22.89 -42.39 30.64
C GLY C 235 21.40 -42.60 30.52
N ALA C 236 20.73 -41.77 29.73
CA ALA C 236 19.28 -41.90 29.56
C ALA C 236 18.94 -43.04 28.60
N ASN C 237 17.83 -43.71 28.88
CA ASN C 237 17.37 -44.80 28.03
C ASN C 237 16.47 -44.10 27.02
N ILE C 238 17.11 -43.36 26.11
CA ILE C 238 16.41 -42.56 25.12
C ILE C 238 16.80 -42.94 23.68
N GLN C 239 15.83 -42.86 22.77
CA GLN C 239 16.08 -43.19 21.36
C GLN C 239 16.78 -42.03 20.67
N THR C 240 17.80 -42.36 19.88
CA THR C 240 18.58 -41.36 19.15
C THR C 240 18.50 -41.61 17.64
N ALA C 241 19.09 -40.70 16.87
CA ALA C 241 19.08 -40.80 15.41
C ALA C 241 19.72 -42.10 14.88
N SER C 242 20.84 -42.50 15.49
CA SER C 242 21.53 -43.72 15.06
C SER C 242 20.66 -44.96 15.20
N GLU C 243 19.86 -44.99 16.25
CA GLU C 243 19.00 -46.13 16.51
C GLU C 243 17.72 -46.15 15.67
N ILE C 244 17.04 -45.00 15.57
CA ILE C 244 15.80 -44.95 14.81
C ILE C 244 15.92 -45.30 13.33
N ILE C 245 16.98 -44.87 12.67
CA ILE C 245 17.12 -45.17 11.24
C ILE C 245 17.14 -46.67 10.93
N GLY C 246 17.56 -47.48 11.89
CA GLY C 246 17.63 -48.92 11.66
C GLY C 246 16.31 -49.65 11.82
N GLU C 247 15.25 -48.92 12.14
CA GLU C 247 13.94 -49.52 12.34
C GLU C 247 13.11 -49.59 11.05
N ASP C 248 12.91 -48.43 10.43
CA ASP C 248 12.11 -48.35 9.20
C ASP C 248 12.65 -47.26 8.27
N PRO C 249 12.19 -47.24 7.02
CA PRO C 249 12.64 -46.24 6.05
C PRO C 249 11.94 -44.89 6.19
N TRP C 250 11.75 -44.44 7.42
CA TRP C 250 11.09 -43.16 7.69
C TRP C 250 11.90 -41.99 7.13
N PHE C 251 13.21 -42.13 7.10
CA PHE C 251 14.09 -41.08 6.63
C PHE C 251 14.77 -41.43 5.29
N SER C 252 15.33 -40.42 4.64
CA SER C 252 16.03 -40.64 3.39
C SER C 252 17.31 -41.40 3.77
N THR C 253 17.87 -42.17 2.84
CA THR C 253 19.08 -42.91 3.14
C THR C 253 20.23 -41.95 3.42
N THR C 254 20.14 -40.75 2.85
CA THR C 254 21.17 -39.76 3.05
C THR C 254 21.37 -39.44 4.53
N PHE C 255 20.30 -39.54 5.31
CA PHE C 255 20.36 -39.26 6.74
C PHE C 255 21.37 -40.16 7.46
N ASN C 256 21.59 -41.36 6.92
CA ASN C 256 22.50 -42.31 7.53
C ASN C 256 23.92 -41.75 7.71
N SER C 257 24.30 -40.79 6.87
CA SER C 257 25.63 -40.20 6.97
C SER C 257 25.78 -39.21 8.13
N TYR C 258 24.65 -38.79 8.69
CA TYR C 258 24.68 -37.79 9.76
C TYR C 258 24.25 -38.26 11.14
N VAL C 259 23.72 -39.48 11.22
CA VAL C 259 23.26 -39.99 12.51
C VAL C 259 24.36 -40.02 13.56
N ASN C 260 25.62 -40.18 13.15
CA ASN C 260 26.71 -40.22 14.11
C ASN C 260 27.44 -38.88 14.21
N GLN C 261 26.97 -37.89 13.46
CA GLN C 261 27.58 -36.57 13.52
C GLN C 261 26.51 -35.50 13.38
N VAL C 262 25.46 -35.65 14.18
CA VAL C 262 24.32 -34.75 14.22
C VAL C 262 24.67 -33.25 14.18
N PRO C 263 25.68 -32.83 14.95
CA PRO C 263 26.05 -31.40 14.95
C PRO C 263 26.37 -30.77 13.59
N VAL C 264 26.69 -31.59 12.60
CA VAL C 264 26.99 -31.02 11.27
C VAL C 264 25.72 -30.62 10.53
N LEU C 265 24.59 -31.20 10.91
CA LEU C 265 23.32 -30.86 10.24
C LEU C 265 23.02 -29.38 10.46
N PRO C 266 22.65 -28.65 9.40
CA PRO C 266 22.33 -27.21 9.46
C PRO C 266 20.93 -26.96 10.02
N PHE C 267 20.47 -27.89 10.84
CA PHE C 267 19.15 -27.79 11.45
C PHE C 267 18.97 -28.93 12.45
N ASP C 268 17.81 -28.95 13.08
CA ASP C 268 17.42 -30.02 13.99
C ASP C 268 15.91 -29.96 13.92
N HIS C 269 15.21 -30.76 14.72
CA HIS C 269 13.76 -30.73 14.63
C HIS C 269 13.05 -29.49 15.13
N HIS C 270 13.78 -28.59 15.79
CA HIS C 270 13.15 -27.37 16.21
C HIS C 270 12.96 -26.58 14.91
N SER C 271 13.80 -26.90 13.92
CA SER C 271 13.72 -26.27 12.61
C SER C 271 12.55 -26.83 11.81
N LEU C 272 12.33 -28.14 11.93
CA LEU C 272 11.23 -28.79 11.23
C LEU C 272 9.90 -28.26 11.77
N ALA C 273 9.78 -28.19 13.09
CA ALA C 273 8.56 -27.69 13.70
C ALA C 273 8.33 -26.24 13.31
N ALA C 274 9.41 -25.47 13.24
CA ALA C 274 9.35 -24.06 12.88
C ALA C 274 8.76 -23.82 11.49
N LEU C 275 8.73 -24.87 10.66
CA LEU C 275 8.16 -24.75 9.32
C LEU C 275 6.65 -24.61 9.37
N ILE C 276 6.07 -24.96 10.52
CA ILE C 276 4.62 -24.89 10.70
C ILE C 276 4.14 -23.48 11.05
N ALA C 277 5.00 -22.70 11.68
CA ALA C 277 4.63 -21.33 12.05
C ALA C 277 4.18 -20.56 10.82
N PRO C 278 3.21 -19.64 10.98
CA PRO C 278 2.52 -19.30 12.23
C PRO C 278 1.31 -20.19 12.50
N ARG C 279 1.08 -21.16 11.62
CA ARG C 279 -0.05 -22.07 11.73
C ARG C 279 -0.11 -22.83 13.05
N GLY C 280 -1.27 -23.40 13.34
CA GLY C 280 -1.47 -24.12 14.59
C GLY C 280 -0.70 -25.42 14.79
N LEU C 281 -0.11 -25.56 15.97
CA LEU C 281 0.66 -26.75 16.34
C LEU C 281 0.57 -27.00 17.84
N PHE C 282 0.07 -28.18 18.21
CA PHE C 282 -0.03 -28.56 19.61
C PHE C 282 0.62 -29.92 19.78
N VAL C 283 1.76 -29.93 20.48
CA VAL C 283 2.49 -31.17 20.71
C VAL C 283 1.96 -31.89 21.93
N ILE C 284 1.41 -33.08 21.70
CA ILE C 284 0.85 -33.90 22.77
C ILE C 284 1.83 -35.01 23.13
N ASP C 285 2.67 -34.76 24.13
CA ASP C 285 3.65 -35.74 24.55
C ASP C 285 3.32 -36.46 25.86
N ASN C 286 4.20 -37.37 26.24
CA ASN C 286 3.99 -38.18 27.43
C ASN C 286 5.35 -38.59 28.01
N ASN C 287 5.40 -38.84 29.31
CA ASN C 287 6.67 -39.23 29.91
C ASN C 287 7.00 -40.72 29.82
N ILE C 288 7.64 -41.08 28.72
CA ILE C 288 8.11 -42.44 28.49
C ILE C 288 9.55 -42.17 28.05
N ASP C 289 10.50 -42.68 28.83
CA ASP C 289 11.91 -42.46 28.57
C ASP C 289 12.38 -42.57 27.12
N TRP C 290 12.00 -43.65 26.44
CA TRP C 290 12.41 -43.86 25.05
C TRP C 290 12.08 -42.68 24.13
N LEU C 291 10.98 -42.00 24.43
CA LEU C 291 10.56 -40.86 23.62
C LEU C 291 11.51 -39.67 23.83
N GLY C 292 12.08 -39.58 25.02
CA GLY C 292 12.97 -38.48 25.33
C GLY C 292 12.18 -37.22 25.64
N PRO C 293 11.29 -37.26 26.64
CA PRO C 293 10.47 -36.12 27.04
C PRO C 293 11.24 -34.80 27.23
N GLN C 294 12.40 -34.85 27.86
CA GLN C 294 13.18 -33.63 28.07
C GLN C 294 13.72 -33.08 26.76
N SER C 295 14.12 -33.97 25.86
CA SER C 295 14.63 -33.57 24.57
C SER C 295 13.50 -32.90 23.79
N CYS C 296 12.32 -33.50 23.85
CA CYS C 296 11.16 -32.97 23.14
C CYS C 296 10.80 -31.58 23.65
N PHE C 297 10.80 -31.42 24.97
CA PHE C 297 10.45 -30.13 25.58
C PHE C 297 11.44 -29.04 25.16
N GLY C 298 12.73 -29.36 25.29
CA GLY C 298 13.75 -28.40 24.93
C GLY C 298 13.68 -28.05 23.45
N CYS C 299 13.41 -29.04 22.62
CA CYS C 299 13.31 -28.87 21.18
C CYS C 299 12.13 -27.97 20.78
N MET C 300 10.97 -28.25 21.34
CA MET C 300 9.78 -27.47 21.02
C MET C 300 9.80 -26.09 21.67
N THR C 301 10.58 -25.93 22.72
CA THR C 301 10.71 -24.64 23.37
C THR C 301 11.49 -23.74 22.43
N ALA C 302 12.37 -24.37 21.63
CA ALA C 302 13.17 -23.64 20.65
C ALA C 302 12.33 -23.35 19.43
N ALA C 303 11.56 -24.35 18.99
CA ALA C 303 10.70 -24.17 17.82
C ALA C 303 9.65 -23.09 18.10
N HIS C 304 9.25 -22.99 19.35
CA HIS C 304 8.24 -22.02 19.78
C HIS C 304 8.66 -20.59 19.44
N MET C 305 9.96 -20.31 19.55
CA MET C 305 10.50 -18.99 19.27
C MET C 305 10.15 -18.47 17.87
N ALA C 306 9.90 -19.38 16.93
CA ALA C 306 9.55 -18.97 15.58
C ALA C 306 8.20 -18.26 15.63
N TRP C 307 7.30 -18.76 16.48
CA TRP C 307 5.98 -18.16 16.63
C TRP C 307 6.10 -16.85 17.40
N GLN C 308 7.00 -16.83 18.37
CA GLN C 308 7.23 -15.62 19.15
C GLN C 308 7.74 -14.52 18.22
N ALA C 309 8.68 -14.87 17.37
CA ALA C 309 9.25 -13.92 16.41
C ALA C 309 8.18 -13.36 15.49
N LEU C 310 7.16 -14.17 15.22
CA LEU C 310 6.07 -13.74 14.35
C LEU C 310 4.91 -13.12 15.13
N GLY C 311 5.07 -13.01 16.45
CA GLY C 311 4.03 -12.42 17.27
C GLY C 311 2.76 -13.23 17.39
N VAL C 312 2.85 -14.54 17.18
CA VAL C 312 1.69 -15.42 17.29
C VAL C 312 1.99 -16.60 18.20
N SER C 313 2.70 -16.31 19.28
CA SER C 313 3.09 -17.32 20.26
C SER C 313 2.00 -18.33 20.62
N ASP C 314 0.79 -17.83 20.87
CA ASP C 314 -0.35 -18.67 21.24
C ASP C 314 -0.74 -19.71 20.19
N HIS C 315 -0.16 -19.63 19.00
CA HIS C 315 -0.48 -20.56 17.93
C HIS C 315 0.15 -21.94 18.10
N MET C 316 1.19 -22.02 18.91
CA MET C 316 1.84 -23.31 19.14
C MET C 316 1.86 -23.66 20.62
N GLY C 317 1.40 -24.87 20.94
CA GLY C 317 1.37 -25.30 22.33
C GLY C 317 2.11 -26.61 22.55
N TYR C 318 2.44 -26.89 23.80
CA TYR C 318 3.13 -28.12 24.16
C TYR C 318 2.58 -28.63 25.48
N SER C 319 2.38 -29.94 25.57
CA SER C 319 1.85 -30.52 26.80
C SER C 319 2.34 -31.94 27.09
N GLN C 320 2.93 -32.10 28.27
CA GLN C 320 3.42 -33.38 28.74
C GLN C 320 3.14 -33.38 30.24
N ILE C 321 2.18 -34.19 30.65
CA ILE C 321 1.76 -34.29 32.05
C ILE C 321 1.85 -35.71 32.60
N GLY C 322 2.86 -35.96 33.43
CA GLY C 322 3.02 -37.28 34.01
C GLY C 322 3.24 -38.36 32.98
N ALA C 323 3.06 -39.62 33.38
CA ALA C 323 3.25 -40.76 32.48
C ALA C 323 1.97 -41.58 32.32
N HIS C 324 1.72 -42.07 31.11
CA HIS C 324 0.54 -42.88 30.85
C HIS C 324 0.80 -43.83 29.68
N ALA C 325 -0.07 -44.82 29.52
CA ALA C 325 0.06 -45.80 28.45
C ALA C 325 0.28 -45.12 27.10
N HIS C 326 1.24 -45.62 26.34
CA HIS C 326 1.58 -45.07 25.04
C HIS C 326 0.39 -44.97 24.10
N CYS C 327 0.18 -43.76 23.57
CA CYS C 327 -0.91 -43.47 22.64
C CYS C 327 -2.31 -43.62 23.21
N ALA C 328 -2.40 -43.51 24.53
CA ALA C 328 -3.68 -43.56 25.21
C ALA C 328 -3.94 -42.11 25.63
N PHE C 329 -4.68 -41.38 24.81
CA PHE C 329 -4.94 -39.98 25.11
C PHE C 329 -5.53 -39.83 26.50
N PRO C 330 -4.83 -39.12 27.40
CA PRO C 330 -5.29 -38.91 28.78
C PRO C 330 -6.29 -37.76 28.93
N SER C 331 -7.34 -37.98 29.72
CA SER C 331 -8.35 -36.95 29.94
C SER C 331 -7.59 -35.71 30.45
N ASN C 332 -6.44 -36.01 31.05
CA ASN C 332 -5.50 -35.03 31.59
C ASN C 332 -5.25 -33.85 30.64
N GLN C 333 -5.34 -34.11 29.34
CA GLN C 333 -5.07 -33.08 28.33
C GLN C 333 -6.26 -32.79 27.42
N GLN C 334 -7.44 -33.25 27.81
CA GLN C 334 -8.63 -33.04 26.98
C GLN C 334 -8.97 -31.58 26.70
N SER C 335 -8.99 -30.75 27.74
CA SER C 335 -9.33 -29.34 27.56
C SER C 335 -8.30 -28.60 26.73
N GLN C 336 -7.03 -28.91 26.93
CA GLN C 336 -5.95 -28.26 26.19
C GLN C 336 -6.13 -28.51 24.70
N LEU C 337 -6.46 -29.76 24.35
CA LEU C 337 -6.68 -30.13 22.96
C LEU C 337 -7.87 -29.37 22.38
N THR C 338 -9.02 -29.48 23.03
CA THR C 338 -10.24 -28.82 22.60
C THR C 338 -10.01 -27.35 22.30
N ALA C 339 -9.22 -26.68 23.14
CA ALA C 339 -8.92 -25.27 22.95
C ALA C 339 -8.28 -25.03 21.58
N PHE C 340 -7.48 -26.00 21.13
CA PHE C 340 -6.81 -25.91 19.84
C PHE C 340 -7.73 -26.32 18.69
N VAL C 341 -8.57 -27.31 18.94
CA VAL C 341 -9.50 -27.78 17.92
C VAL C 341 -10.54 -26.70 17.64
N GLN C 342 -11.15 -26.19 18.70
CA GLN C 342 -12.18 -25.16 18.57
C GLN C 342 -11.67 -23.90 17.88
N LYS C 343 -10.44 -23.52 18.20
CA LYS C 343 -9.84 -22.32 17.62
C LYS C 343 -9.49 -22.44 16.14
N PHE C 344 -8.56 -23.34 15.82
CA PHE C 344 -8.12 -23.50 14.44
C PHE C 344 -9.04 -24.31 13.54
N LEU C 345 -9.94 -25.09 14.12
CA LEU C 345 -10.84 -25.90 13.32
C LEU C 345 -12.29 -25.40 13.38
N LEU C 346 -12.69 -24.87 14.54
CA LEU C 346 -14.05 -24.36 14.72
C LEU C 346 -14.10 -22.84 14.69
N GLY C 347 -12.93 -22.21 14.65
CA GLY C 347 -12.87 -20.76 14.61
C GLY C 347 -13.12 -20.03 15.92
N GLN C 348 -13.43 -20.77 16.97
CA GLN C 348 -13.69 -20.15 18.27
C GLN C 348 -12.46 -19.36 18.74
N SER C 349 -12.68 -18.47 19.72
CA SER C 349 -11.59 -17.65 20.26
C SER C 349 -11.26 -18.09 21.68
N THR C 350 -10.59 -19.23 21.80
CA THR C 350 -10.22 -19.78 23.11
C THR C 350 -8.81 -19.40 23.57
N ASN C 351 -8.41 -19.96 24.71
CA ASN C 351 -7.09 -19.71 25.28
C ASN C 351 -6.16 -20.87 24.94
N THR C 352 -5.28 -20.66 23.98
CA THR C 352 -4.34 -21.70 23.56
C THR C 352 -2.93 -21.48 24.10
N ALA C 353 -2.82 -20.67 25.15
CA ALA C 353 -1.52 -20.41 25.77
C ALA C 353 -1.21 -21.61 26.65
N ILE C 354 -0.79 -22.69 26.02
CA ILE C 354 -0.48 -23.93 26.70
C ILE C 354 0.93 -24.39 26.35
N PHE C 355 1.74 -24.65 27.37
CA PHE C 355 3.11 -25.08 27.16
C PHE C 355 3.65 -25.59 28.49
N GLN C 356 3.31 -26.83 28.82
CA GLN C 356 3.74 -27.42 30.09
C GLN C 356 4.45 -28.76 29.95
N SER C 357 5.35 -29.02 30.88
CA SER C 357 6.13 -30.27 30.93
C SER C 357 6.73 -30.41 32.32
N ASP C 358 7.01 -31.65 32.73
CA ASP C 358 7.60 -31.90 34.04
C ASP C 358 9.11 -31.89 33.91
N PHE C 359 9.60 -31.45 32.76
CA PHE C 359 11.03 -31.42 32.50
C PHE C 359 11.60 -30.03 32.26
N SER C 360 12.92 -29.94 32.36
CA SER C 360 13.64 -28.68 32.17
C SER C 360 14.03 -28.48 30.70
N ALA C 361 13.85 -27.26 30.18
CA ALA C 361 14.17 -26.97 28.79
C ALA C 361 15.66 -26.73 28.54
N ASN C 362 16.38 -26.28 29.57
CA ASN C 362 17.82 -26.01 29.44
C ASN C 362 18.14 -25.07 28.28
N GLN C 363 17.30 -24.05 28.11
CA GLN C 363 17.50 -23.08 27.03
C GLN C 363 18.92 -22.51 26.99
N SER C 364 19.46 -22.14 28.15
CA SER C 364 20.81 -21.56 28.20
C SER C 364 21.86 -22.53 27.69
N GLN C 365 21.56 -23.82 27.72
CA GLN C 365 22.50 -24.82 27.25
C GLN C 365 22.36 -25.14 25.76
N TRP C 366 21.14 -25.10 25.26
CA TRP C 366 20.86 -25.42 23.87
C TRP C 366 20.55 -24.28 22.91
N ILE C 367 20.22 -23.10 23.45
CA ILE C 367 19.90 -21.96 22.61
C ILE C 367 20.84 -20.80 22.88
N ASP C 368 21.67 -20.46 21.90
CA ASP C 368 22.61 -19.37 22.06
C ASP C 368 22.35 -18.24 21.07
N TRP C 369 21.08 -18.04 20.74
CA TRP C 369 20.66 -16.99 19.80
C TRP C 369 19.40 -16.29 20.28
N THR C 370 19.17 -15.07 19.82
CA THR C 370 18.01 -14.29 20.22
C THR C 370 16.82 -14.45 19.28
N THR C 371 15.66 -14.06 19.76
CA THR C 371 14.43 -14.14 18.99
C THR C 371 14.02 -12.72 18.63
N PRO C 372 14.12 -12.34 17.35
CA PRO C 372 13.74 -10.99 16.95
C PRO C 372 12.24 -10.85 16.69
N THR C 373 11.76 -9.62 16.71
CA THR C 373 10.36 -9.35 16.42
C THR C 373 10.39 -9.02 14.94
N LEU C 374 9.92 -9.94 14.12
CA LEU C 374 9.93 -9.77 12.68
C LEU C 374 8.99 -8.69 12.17
N SER C 375 9.55 -7.76 11.40
CA SER C 375 8.78 -6.65 10.84
C SER C 375 8.22 -7.02 9.48
#